data_8DO5
#
_entry.id   8DO5
#
_cell.length_a   87.999
_cell.length_b   87.999
_cell.length_c   141.599
_cell.angle_alpha   90.000
_cell.angle_beta   90.000
_cell.angle_gamma   120.000
#
_symmetry.space_group_name_H-M   'P 32 2 1'
#
loop_
_entity.id
_entity.type
_entity.pdbx_description
1 polymer 'Trans-ohydrobenzylidenepyruvate hydratase aldolase'
2 non-polymer 'DIMETHYL SULFOXIDE'
3 non-polymer '(4R)-4-hydroxy-4-(2-hydroxyphenyl)butanoic acid'
4 water water
#
_entity_poly.entity_id   1
_entity_poly.type   'polypeptide(L)'
_entity_poly.pdbx_seq_one_letter_code
;MLNKVIKTTRLTAEDINGAWTIMPTPSTPDASDWRSTNTVDLDETARIVEELIAAGVNGILSMGTFGECATLTWEEKRDY
VSTVVETIRGRVPYFCGTTALNTREVIRQTRELIDIGANGTMLGVPMWVKMDLPTAVQFYRDVAGAVPEAAIAIYANPEA
FKFDFPRPFWAEMSKIPQVVTAKYLGIGMLDLDLKLAPNIRFLPHEDDYYAAARINPERITAFWSSGAMCGPATAIMLRD
EVERAKSTGDWIKAKAISDDMRAADSTLFPRGDFSEFSKYNIGLEKARMDAAGWLKAGPCRPPYNLVPEDYLVGAQKSGK
AWAALHAKYSK
;
_entity_poly.pdbx_strand_id   A,B
#
# COMPACT_ATOMS: atom_id res chain seq x y z
N THR A 9 -9.59 -27.90 -20.79
CA THR A 9 -8.47 -27.79 -19.85
C THR A 9 -8.62 -26.52 -18.99
N ARG A 10 -8.26 -26.65 -17.71
CA ARG A 10 -8.47 -25.61 -16.71
C ARG A 10 -7.43 -24.50 -16.85
N LEU A 11 -7.83 -23.29 -16.48
CA LEU A 11 -6.98 -22.13 -16.62
C LEU A 11 -5.77 -22.20 -15.70
N THR A 12 -4.66 -21.63 -16.17
CA THR A 12 -3.54 -21.30 -15.32
C THR A 12 -3.30 -19.80 -15.40
N ALA A 13 -2.41 -19.31 -14.54
CA ALA A 13 -2.03 -17.90 -14.54
C ALA A 13 -1.53 -17.44 -15.89
N GLU A 14 -0.93 -18.34 -16.68
CA GLU A 14 -0.43 -17.95 -18.00
C GLU A 14 -1.55 -17.57 -18.95
N ASP A 15 -2.79 -17.97 -18.65
CA ASP A 15 -3.94 -17.60 -19.46
C ASP A 15 -4.52 -16.24 -19.09
N ILE A 16 -4.08 -15.63 -17.99
CA ILE A 16 -4.72 -14.43 -17.42
C ILE A 16 -3.90 -13.23 -17.85
N ASN A 17 -4.36 -12.52 -18.89
CA ASN A 17 -3.63 -11.36 -19.39
C ASN A 17 -4.58 -10.22 -19.72
N GLY A 18 -4.03 -9.00 -19.74
CA GLY A 18 -4.74 -7.81 -20.20
C GLY A 18 -5.87 -7.38 -19.28
N ALA A 19 -6.94 -6.86 -19.89
CA ALA A 19 -8.07 -6.27 -19.18
C ALA A 19 -9.11 -7.32 -18.81
N TRP A 20 -9.33 -7.52 -17.50
CA TRP A 20 -10.36 -8.40 -16.99
C TRP A 20 -11.46 -7.58 -16.32
N THR A 21 -12.65 -7.58 -16.90
CA THR A 21 -13.70 -6.65 -16.52
C THR A 21 -14.74 -7.35 -15.67
N ILE A 22 -15.21 -6.67 -14.62
CA ILE A 22 -16.17 -7.25 -13.68
C ILE A 22 -17.55 -6.73 -14.05
N MET A 23 -18.46 -7.66 -14.32
CA MET A 23 -19.82 -7.43 -14.79
C MET A 23 -20.79 -7.31 -13.63
N PRO A 24 -21.68 -6.32 -13.65
CA PRO A 24 -22.80 -6.33 -12.71
C PRO A 24 -23.77 -7.45 -13.02
N THR A 25 -24.71 -7.69 -12.09
CA THR A 25 -25.83 -8.56 -12.40
C THR A 25 -27.03 -7.67 -12.71
N PRO A 26 -27.32 -7.40 -13.98
CA PRO A 26 -28.33 -6.37 -14.29
C PRO A 26 -29.70 -6.75 -13.75
N SER A 27 -30.43 -5.76 -13.26
CA SER A 27 -31.66 -6.02 -12.55
C SER A 27 -32.87 -5.38 -13.22
N THR A 28 -33.97 -6.13 -13.25
CA THR A 28 -35.27 -5.65 -13.71
C THR A 28 -35.77 -4.55 -12.77
N PRO A 29 -36.69 -3.69 -13.24
CA PRO A 29 -37.01 -2.47 -12.48
C PRO A 29 -37.72 -2.71 -11.15
N ASP A 30 -38.12 -3.95 -10.83
CA ASP A 30 -38.74 -4.24 -9.55
C ASP A 30 -37.76 -4.86 -8.55
N ALA A 31 -36.46 -4.76 -8.83
CA ALA A 31 -35.48 -5.61 -8.14
C ALA A 31 -35.24 -5.22 -6.68
N SER A 32 -35.64 -4.01 -6.28
CA SER A 32 -35.55 -3.60 -4.88
C SER A 32 -36.63 -4.21 -4.01
N ASP A 33 -37.69 -4.75 -4.62
CA ASP A 33 -38.83 -5.22 -3.86
C ASP A 33 -38.56 -6.64 -3.37
N TRP A 34 -38.63 -6.86 -2.05
CA TRP A 34 -38.39 -8.21 -1.55
C TRP A 34 -39.44 -9.20 -2.01
N ARG A 35 -40.59 -8.73 -2.51
CA ARG A 35 -41.60 -9.62 -3.04
C ARG A 35 -41.21 -10.19 -4.41
N SER A 36 -40.33 -9.50 -5.15
CA SER A 36 -39.89 -9.94 -6.49
C SER A 36 -39.13 -11.26 -6.44
N THR A 37 -39.18 -12.00 -7.55
CA THR A 37 -38.66 -13.37 -7.55
C THR A 37 -37.68 -13.68 -8.67
N ASN A 38 -37.78 -12.97 -9.81
CA ASN A 38 -36.91 -13.20 -10.96
C ASN A 38 -36.48 -11.83 -11.48
N THR A 39 -35.43 -11.28 -10.88
CA THR A 39 -35.06 -9.88 -11.06
C THR A 39 -33.83 -9.67 -11.93
N VAL A 40 -33.37 -10.69 -12.66
CA VAL A 40 -32.25 -10.52 -13.58
C VAL A 40 -32.78 -10.18 -14.97
N ASP A 41 -32.29 -9.08 -15.54
CA ASP A 41 -32.58 -8.72 -16.94
C ASP A 41 -31.62 -9.49 -17.84
N LEU A 42 -32.01 -10.73 -18.16
CA LEU A 42 -31.18 -11.65 -18.95
C LEU A 42 -30.88 -11.10 -20.35
N ASP A 43 -31.75 -10.23 -20.89
CA ASP A 43 -31.42 -9.62 -22.17
C ASP A 43 -30.34 -8.56 -22.05
N GLU A 44 -30.26 -7.86 -20.92
CA GLU A 44 -29.17 -6.89 -20.73
C GLU A 44 -27.86 -7.61 -20.39
N THR A 45 -27.95 -8.69 -19.62
CA THR A 45 -26.80 -9.58 -19.42
C THR A 45 -26.17 -9.98 -20.75
N ALA A 46 -26.95 -10.67 -21.59
CA ALA A 46 -26.50 -11.08 -22.91
C ALA A 46 -25.90 -9.91 -23.69
N ARG A 47 -26.53 -8.74 -23.64
CA ARG A 47 -26.06 -7.63 -24.46
C ARG A 47 -24.76 -7.02 -23.93
N ILE A 48 -24.58 -6.97 -22.61
CA ILE A 48 -23.31 -6.51 -22.05
C ILE A 48 -22.18 -7.42 -22.49
N VAL A 49 -22.40 -8.74 -22.45
CA VAL A 49 -21.36 -9.69 -22.80
C VAL A 49 -20.94 -9.51 -24.25
N GLU A 50 -21.92 -9.42 -25.16
CA GLU A 50 -21.62 -9.17 -26.57
C GLU A 50 -20.77 -7.91 -26.72
N GLU A 51 -21.20 -6.82 -26.07
CA GLU A 51 -20.49 -5.55 -26.20
C GLU A 51 -19.13 -5.60 -25.52
N LEU A 52 -18.99 -6.37 -24.44
CA LEU A 52 -17.69 -6.44 -23.78
C LEU A 52 -16.67 -7.13 -24.68
N ILE A 53 -17.07 -8.26 -25.26
CA ILE A 53 -16.16 -9.02 -26.12
C ILE A 53 -15.82 -8.22 -27.36
N ALA A 54 -16.83 -7.64 -28.00
CA ALA A 54 -16.57 -6.83 -29.19
C ALA A 54 -15.55 -5.74 -28.88
N ALA A 55 -15.61 -5.17 -27.68
CA ALA A 55 -14.68 -4.13 -27.26
C ALA A 55 -13.28 -4.66 -27.02
N GLY A 56 -13.10 -5.98 -26.95
CA GLY A 56 -11.79 -6.58 -26.82
C GLY A 56 -11.36 -6.94 -25.41
N VAL A 57 -12.28 -7.12 -24.47
CA VAL A 57 -11.86 -7.55 -23.14
C VAL A 57 -11.25 -8.94 -23.23
N ASN A 58 -10.39 -9.23 -22.25
CA ASN A 58 -9.67 -10.49 -22.22
C ASN A 58 -10.41 -11.55 -21.42
N GLY A 59 -11.24 -11.13 -20.47
CA GLY A 59 -11.97 -12.07 -19.65
C GLY A 59 -12.98 -11.34 -18.79
N ILE A 60 -13.96 -12.09 -18.30
CA ILE A 60 -15.08 -11.52 -17.58
C ILE A 60 -15.17 -12.15 -16.20
N LEU A 61 -15.03 -11.31 -15.17
CA LEU A 61 -15.35 -11.67 -13.80
C LEU A 61 -16.71 -11.09 -13.44
N SER A 62 -17.29 -11.59 -12.35
CA SER A 62 -18.66 -11.23 -11.99
C SER A 62 -18.98 -11.80 -10.61
N MET A 63 -20.12 -11.39 -10.07
CA MET A 63 -20.71 -11.96 -8.86
C MET A 63 -19.82 -11.77 -7.63
N GLY A 64 -19.14 -10.63 -7.56
CA GLY A 64 -18.45 -10.25 -6.34
C GLY A 64 -19.37 -9.43 -5.45
N THR A 65 -18.85 -8.33 -4.90
CA THR A 65 -19.68 -7.52 -4.00
C THR A 65 -20.75 -6.78 -4.78
N PHE A 66 -20.35 -5.87 -5.68
CA PHE A 66 -21.35 -5.08 -6.41
C PHE A 66 -22.12 -5.92 -7.42
N GLY A 67 -21.60 -7.11 -7.77
CA GLY A 67 -22.31 -8.08 -8.57
C GLY A 67 -23.43 -8.76 -7.86
N GLU A 68 -23.60 -8.45 -6.57
CA GLU A 68 -24.75 -8.84 -5.76
C GLU A 68 -24.80 -10.35 -5.57
N CYS A 69 -23.63 -10.97 -5.43
CA CYS A 69 -23.61 -12.39 -5.09
C CYS A 69 -24.37 -12.63 -3.78
N ALA A 70 -24.36 -11.63 -2.88
CA ALA A 70 -25.00 -11.77 -1.58
C ALA A 70 -26.51 -11.66 -1.63
N THR A 71 -27.07 -10.97 -2.63
CA THR A 71 -28.50 -10.63 -2.61
C THR A 71 -29.29 -11.24 -3.75
N LEU A 72 -28.68 -12.05 -4.61
CA LEU A 72 -29.37 -12.79 -5.63
C LEU A 72 -29.90 -14.12 -5.08
N THR A 73 -31.04 -14.55 -5.61
CA THR A 73 -31.53 -15.88 -5.27
C THR A 73 -30.80 -16.92 -6.12
N TRP A 74 -30.87 -18.19 -5.68
CA TRP A 74 -30.15 -19.24 -6.41
C TRP A 74 -30.61 -19.36 -7.86
N GLU A 75 -31.94 -19.42 -8.08
CA GLU A 75 -32.42 -19.53 -9.45
C GLU A 75 -32.01 -18.32 -10.28
N GLU A 76 -31.98 -17.15 -9.68
CA GLU A 76 -31.49 -15.97 -10.39
C GLU A 76 -30.03 -16.13 -10.78
N LYS A 77 -29.24 -16.82 -9.96
CA LYS A 77 -27.84 -17.04 -10.28
C LYS A 77 -27.70 -18.05 -11.42
N ARG A 78 -28.41 -19.17 -11.32
CA ARG A 78 -28.41 -20.19 -12.37
C ARG A 78 -28.70 -19.57 -13.74
N ASP A 79 -29.77 -18.76 -13.81
CA ASP A 79 -30.15 -18.18 -15.10
C ASP A 79 -29.14 -17.16 -15.58
N TYR A 80 -28.50 -16.45 -14.65
CA TYR A 80 -27.53 -15.43 -15.04
C TYR A 80 -26.33 -16.05 -15.73
N VAL A 81 -25.75 -17.08 -15.11
CA VAL A 81 -24.55 -17.73 -15.64
C VAL A 81 -24.84 -18.38 -17.00
N SER A 82 -25.95 -19.10 -17.09
CA SER A 82 -26.38 -19.68 -18.36
C SER A 82 -26.41 -18.64 -19.45
N THR A 83 -27.03 -17.50 -19.18
CA THR A 83 -27.06 -16.42 -20.16
C THR A 83 -25.65 -15.97 -20.53
N VAL A 84 -24.77 -15.81 -19.53
CA VAL A 84 -23.40 -15.37 -19.81
C VAL A 84 -22.64 -16.46 -20.57
N VAL A 85 -22.72 -17.69 -20.07
CA VAL A 85 -22.01 -18.83 -20.67
C VAL A 85 -22.33 -18.95 -22.14
N GLU A 86 -23.61 -18.83 -22.50
CA GLU A 86 -24.00 -19.05 -23.88
C GLU A 86 -23.82 -17.82 -24.75
N THR A 87 -23.76 -16.62 -24.16
CA THR A 87 -23.45 -15.45 -24.97
C THR A 87 -21.96 -15.36 -25.25
N ILE A 88 -21.13 -15.86 -24.34
CA ILE A 88 -19.69 -15.79 -24.53
C ILE A 88 -19.27 -16.67 -25.71
N ARG A 89 -19.82 -17.88 -25.79
CA ARG A 89 -19.50 -18.86 -26.84
C ARG A 89 -18.04 -19.31 -26.78
N GLY A 90 -17.46 -19.34 -25.58
CA GLY A 90 -16.07 -19.75 -25.42
C GLY A 90 -15.04 -18.77 -25.96
N ARG A 91 -15.44 -17.53 -26.26
CA ARG A 91 -14.51 -16.56 -26.83
C ARG A 91 -13.53 -16.00 -25.81
N VAL A 92 -13.94 -15.87 -24.54
CA VAL A 92 -13.06 -15.42 -23.46
C VAL A 92 -13.30 -16.28 -22.24
N PRO A 93 -12.37 -16.29 -21.29
CA PRO A 93 -12.64 -16.95 -20.02
C PRO A 93 -13.64 -16.18 -19.18
N TYR A 94 -14.38 -16.92 -18.34
CA TYR A 94 -15.41 -16.34 -17.48
C TYR A 94 -15.32 -16.92 -16.08
N PHE A 95 -15.25 -16.04 -15.10
CA PHE A 95 -15.33 -16.42 -13.70
C PHE A 95 -16.69 -16.02 -13.15
N CYS A 96 -17.41 -16.96 -12.56
CA CYS A 96 -18.57 -16.61 -11.77
C CYS A 96 -18.11 -16.32 -10.34
N GLY A 97 -19.05 -16.13 -9.43
CA GLY A 97 -18.73 -15.90 -8.03
C GLY A 97 -19.61 -16.78 -7.18
N THR A 98 -19.02 -17.46 -6.19
CA THR A 98 -19.84 -18.34 -5.38
C THR A 98 -19.56 -18.20 -3.89
N THR A 99 -19.04 -17.06 -3.44
CA THR A 99 -18.87 -16.82 -2.01
C THR A 99 -20.20 -16.97 -1.30
N ALA A 100 -20.22 -17.74 -0.23
CA ALA A 100 -21.42 -17.94 0.59
C ALA A 100 -20.97 -18.06 2.04
N LEU A 101 -21.89 -18.48 2.91
CA LEU A 101 -21.62 -18.46 4.35
C LEU A 101 -20.96 -19.73 4.88
N ASN A 102 -20.78 -20.78 4.07
CA ASN A 102 -20.09 -21.96 4.56
C ASN A 102 -19.51 -22.73 3.38
N THR A 103 -18.63 -23.68 3.71
CA THR A 103 -17.93 -24.43 2.68
C THR A 103 -18.87 -25.28 1.83
N ARG A 104 -19.84 -25.93 2.45
CA ARG A 104 -20.71 -26.85 1.72
C ARG A 104 -21.56 -26.10 0.73
N GLU A 105 -22.05 -24.91 1.11
CA GLU A 105 -22.82 -24.11 0.17
C GLU A 105 -21.93 -23.58 -0.94
N VAL A 106 -20.73 -23.09 -0.60
CA VAL A 106 -19.78 -22.66 -1.63
C VAL A 106 -19.51 -23.81 -2.62
N ILE A 107 -19.31 -25.02 -2.11
CA ILE A 107 -19.04 -26.14 -3.00
C ILE A 107 -20.25 -26.42 -3.89
N ARG A 108 -21.44 -26.55 -3.28
CA ARG A 108 -22.64 -26.87 -4.05
C ARG A 108 -22.90 -25.83 -5.14
N GLN A 109 -22.61 -24.56 -4.85
CA GLN A 109 -22.79 -23.51 -5.86
C GLN A 109 -21.74 -23.61 -6.97
N THR A 110 -20.48 -23.85 -6.59
CA THR A 110 -19.40 -23.92 -7.57
C THR A 110 -19.61 -25.06 -8.56
N ARG A 111 -20.03 -26.23 -8.07
CA ARG A 111 -20.31 -27.36 -8.95
C ARG A 111 -21.28 -26.96 -10.05
N GLU A 112 -22.45 -26.44 -9.67
CA GLU A 112 -23.51 -26.18 -10.65
C GLU A 112 -23.10 -25.13 -11.65
N LEU A 113 -22.41 -24.08 -11.20
CA LEU A 113 -22.11 -22.99 -12.12
C LEU A 113 -20.94 -23.34 -13.04
N ILE A 114 -19.96 -24.10 -12.55
CA ILE A 114 -18.93 -24.66 -13.41
C ILE A 114 -19.57 -25.58 -14.45
N ASP A 115 -20.48 -26.45 -14.00
CA ASP A 115 -21.18 -27.36 -14.90
C ASP A 115 -21.94 -26.58 -15.98
N ILE A 116 -22.50 -25.44 -15.62
CA ILE A 116 -23.17 -24.62 -16.61
C ILE A 116 -22.17 -24.07 -17.62
N GLY A 117 -20.90 -23.93 -17.23
CA GLY A 117 -19.93 -23.50 -18.22
C GLY A 117 -19.08 -22.33 -17.81
N ALA A 118 -19.02 -22.06 -16.51
CA ALA A 118 -18.04 -21.12 -16.01
C ALA A 118 -16.67 -21.78 -15.97
N ASN A 119 -15.63 -20.99 -16.19
CA ASN A 119 -14.24 -21.47 -16.11
C ASN A 119 -13.70 -21.43 -14.69
N GLY A 120 -14.17 -20.49 -13.86
CA GLY A 120 -13.73 -20.42 -12.48
C GLY A 120 -14.71 -19.65 -11.62
N THR A 121 -14.43 -19.63 -10.31
CA THR A 121 -15.20 -18.84 -9.36
C THR A 121 -14.31 -17.79 -8.72
N MET A 122 -14.77 -16.53 -8.77
CA MET A 122 -14.18 -15.48 -7.97
C MET A 122 -14.74 -15.62 -6.55
N LEU A 123 -13.86 -15.78 -5.57
CA LEU A 123 -14.26 -16.32 -4.30
C LEU A 123 -13.57 -15.56 -3.17
N GLY A 124 -14.36 -15.01 -2.26
CA GLY A 124 -13.90 -14.58 -0.96
C GLY A 124 -14.17 -15.68 0.05
N VAL A 125 -14.19 -15.30 1.32
CA VAL A 125 -14.40 -16.31 2.36
C VAL A 125 -15.70 -16.05 3.13
N PRO A 126 -16.38 -17.11 3.64
CA PRO A 126 -17.46 -16.92 4.62
C PRO A 126 -17.08 -15.90 5.68
N MET A 127 -18.01 -15.01 6.04
CA MET A 127 -17.63 -13.85 6.85
C MET A 127 -18.62 -13.57 7.98
N TRP A 128 -19.53 -14.49 8.29
CA TRP A 128 -20.28 -14.34 9.53
C TRP A 128 -19.31 -14.35 10.72
N VAL A 129 -18.44 -15.34 10.74
CA VAL A 129 -17.34 -15.43 11.70
C VAL A 129 -16.06 -15.12 10.93
N LYS A 130 -15.28 -14.18 11.44
CA LYS A 130 -14.02 -13.83 10.80
C LYS A 130 -13.03 -14.99 10.87
N MET A 131 -12.46 -15.37 9.74
CA MET A 131 -11.49 -16.45 9.74
C MET A 131 -10.09 -15.94 10.04
N ASP A 132 -9.30 -16.79 10.66
CA ASP A 132 -7.86 -16.62 10.77
C ASP A 132 -7.18 -17.24 9.53
N LEU A 133 -5.85 -17.32 9.56
CA LEU A 133 -5.12 -17.84 8.40
C LEU A 133 -5.38 -19.33 8.14
N PRO A 134 -5.16 -20.24 9.10
CA PRO A 134 -5.42 -21.67 8.79
C PRO A 134 -6.85 -21.97 8.35
N THR A 135 -7.84 -21.27 8.93
CA THR A 135 -9.23 -21.46 8.51
C THR A 135 -9.40 -21.11 7.04
N ALA A 136 -8.85 -19.97 6.63
CA ALA A 136 -9.00 -19.53 5.25
C ALA A 136 -8.26 -20.44 4.29
N VAL A 137 -7.04 -20.86 4.65
CA VAL A 137 -6.27 -21.77 3.79
C VAL A 137 -7.05 -23.06 3.56
N GLN A 138 -7.55 -23.66 4.65
CA GLN A 138 -8.26 -24.92 4.52
C GLN A 138 -9.53 -24.75 3.70
N PHE A 139 -10.25 -23.63 3.88
CA PHE A 139 -11.44 -23.35 3.08
C PHE A 139 -11.13 -23.39 1.59
N TYR A 140 -10.07 -22.69 1.16
CA TYR A 140 -9.74 -22.69 -0.25
C TYR A 140 -9.27 -24.06 -0.73
N ARG A 141 -8.44 -24.74 0.06
CA ARG A 141 -8.05 -26.11 -0.28
C ARG A 141 -9.27 -27.02 -0.37
N ASP A 142 -10.27 -26.80 0.51
CA ASP A 142 -11.47 -27.62 0.46
C ASP A 142 -12.21 -27.45 -0.84
N VAL A 143 -12.38 -26.21 -1.29
CA VAL A 143 -13.15 -25.94 -2.50
C VAL A 143 -12.38 -26.45 -3.72
N ALA A 144 -11.09 -26.13 -3.80
CA ALA A 144 -10.26 -26.57 -4.92
C ALA A 144 -10.25 -28.08 -5.04
N GLY A 145 -10.13 -28.79 -3.91
CA GLY A 145 -10.18 -30.23 -3.95
C GLY A 145 -11.56 -30.76 -4.32
N ALA A 146 -12.61 -29.99 -4.05
CA ALA A 146 -13.97 -30.45 -4.29
C ALA A 146 -14.46 -30.15 -5.70
N VAL A 147 -13.92 -29.12 -6.34
CA VAL A 147 -14.26 -28.81 -7.74
C VAL A 147 -12.97 -28.56 -8.51
N PRO A 148 -12.15 -29.59 -8.76
CA PRO A 148 -10.81 -29.34 -9.32
C PRO A 148 -10.80 -28.82 -10.75
N GLU A 149 -11.88 -28.97 -11.51
CA GLU A 149 -11.95 -28.38 -12.84
C GLU A 149 -12.20 -26.87 -12.82
N ALA A 150 -12.51 -26.32 -11.65
CA ALA A 150 -12.77 -24.90 -11.49
C ALA A 150 -11.50 -24.14 -11.15
N ALA A 151 -11.20 -23.10 -11.91
CA ALA A 151 -10.20 -22.14 -11.48
C ALA A 151 -10.76 -21.30 -10.33
N ILE A 152 -9.86 -20.68 -9.57
CA ILE A 152 -10.23 -19.85 -8.44
C ILE A 152 -9.53 -18.50 -8.57
N ALA A 153 -10.29 -17.43 -8.43
CA ALA A 153 -9.72 -16.10 -8.27
C ALA A 153 -10.03 -15.63 -6.85
N ILE A 154 -8.98 -15.47 -6.04
CA ILE A 154 -9.15 -14.95 -4.69
C ILE A 154 -9.70 -13.53 -4.76
N TYR A 155 -10.88 -13.32 -4.18
CA TYR A 155 -11.45 -11.96 -4.06
C TYR A 155 -11.03 -11.45 -2.69
N ALA A 156 -9.95 -10.67 -2.68
CA ALA A 156 -9.23 -10.35 -1.44
C ALA A 156 -9.65 -8.97 -0.94
N ASN A 157 -10.83 -8.92 -0.37
CA ASN A 157 -11.42 -7.68 0.13
C ASN A 157 -11.59 -7.82 1.63
N PRO A 158 -10.72 -7.21 2.44
CA PRO A 158 -10.87 -7.34 3.89
C PRO A 158 -12.08 -6.61 4.43
N GLU A 159 -12.60 -5.60 3.73
CA GLU A 159 -13.78 -4.91 4.25
C GLU A 159 -15.00 -5.84 4.22
N ALA A 160 -15.19 -6.53 3.09
CA ALA A 160 -16.33 -7.44 2.98
C ALA A 160 -16.10 -8.70 3.79
N PHE A 161 -14.92 -9.29 3.68
CA PHE A 161 -14.71 -10.63 4.20
C PHE A 161 -13.96 -10.67 5.52
N LYS A 162 -13.65 -9.50 6.11
CA LYS A 162 -13.07 -9.36 7.45
C LYS A 162 -11.61 -9.78 7.50
N PHE A 163 -11.33 -11.02 7.10
CA PHE A 163 -9.98 -11.54 6.97
C PHE A 163 -9.17 -10.69 6.01
N ASP A 164 -7.89 -10.45 6.33
CA ASP A 164 -7.13 -9.42 5.62
C ASP A 164 -6.16 -9.98 4.58
N PHE A 165 -6.18 -11.29 4.32
CA PHE A 165 -5.39 -11.87 3.23
C PHE A 165 -3.91 -11.53 3.32
N PRO A 166 -3.25 -11.84 4.45
CA PRO A 166 -1.86 -11.41 4.67
C PRO A 166 -0.82 -12.17 3.84
N ARG A 167 0.46 -11.82 4.03
CA ARG A 167 1.52 -12.42 3.22
C ARG A 167 1.56 -13.95 3.31
N PRO A 168 1.56 -14.59 4.49
CA PRO A 168 1.58 -16.07 4.51
C PRO A 168 0.39 -16.70 3.82
N PHE A 169 -0.73 -15.98 3.67
CA PHE A 169 -1.86 -16.54 2.94
C PHE A 169 -1.51 -16.67 1.47
N TRP A 170 -0.82 -15.67 0.90
CA TRP A 170 -0.50 -15.74 -0.51
C TRP A 170 0.49 -16.87 -0.79
N ALA A 171 1.40 -17.13 0.14
CA ALA A 171 2.34 -18.24 -0.05
C ALA A 171 1.59 -19.57 -0.12
N GLU A 172 0.59 -19.75 0.74
CA GLU A 172 -0.20 -20.98 0.70
C GLU A 172 -1.00 -21.11 -0.59
N MET A 173 -1.59 -20.02 -1.08
CA MET A 173 -2.45 -20.13 -2.26
C MET A 173 -1.64 -20.50 -3.50
N SER A 174 -0.38 -20.10 -3.54
CA SER A 174 0.52 -20.54 -4.59
C SER A 174 0.74 -22.06 -4.56
N LYS A 175 0.45 -22.71 -3.43
CA LYS A 175 0.54 -24.16 -3.35
C LYS A 175 -0.65 -24.86 -3.97
N ILE A 176 -1.69 -24.14 -4.36
CA ILE A 176 -2.93 -24.73 -4.85
C ILE A 176 -2.99 -24.50 -6.36
N PRO A 177 -2.96 -25.55 -7.19
CA PRO A 177 -3.00 -25.32 -8.64
C PRO A 177 -4.22 -24.55 -9.10
N GLN A 178 -5.37 -24.74 -8.46
CA GLN A 178 -6.61 -24.13 -8.92
C GLN A 178 -6.59 -22.61 -8.76
N VAL A 179 -5.90 -22.08 -7.75
CA VAL A 179 -5.85 -20.64 -7.53
C VAL A 179 -4.93 -20.02 -8.57
N VAL A 180 -5.51 -19.48 -9.64
CA VAL A 180 -4.71 -18.94 -10.74
C VAL A 180 -4.54 -17.43 -10.66
N THR A 181 -5.33 -16.73 -9.84
CA THR A 181 -5.30 -15.28 -9.92
C THR A 181 -5.99 -14.70 -8.70
N ALA A 182 -5.92 -13.38 -8.57
CA ALA A 182 -6.37 -12.69 -7.35
C ALA A 182 -6.84 -11.30 -7.71
N LYS A 183 -8.07 -10.99 -7.35
CA LYS A 183 -8.55 -9.61 -7.45
C LYS A 183 -8.02 -8.87 -6.24
N TYR A 184 -7.08 -7.95 -6.48
CA TYR A 184 -6.17 -7.43 -5.48
C TYR A 184 -6.45 -5.94 -5.28
N LEU A 185 -6.28 -5.47 -4.05
CA LEU A 185 -6.52 -4.07 -3.71
C LEU A 185 -5.19 -3.32 -3.61
N GLY A 186 -4.91 -2.70 -2.46
CA GLY A 186 -3.73 -1.85 -2.36
C GLY A 186 -2.46 -2.61 -2.67
N ILE A 187 -1.50 -1.93 -3.31
CA ILE A 187 -0.31 -2.60 -3.86
C ILE A 187 0.93 -2.39 -2.98
N GLY A 188 0.74 -1.99 -1.72
CA GLY A 188 1.89 -1.69 -0.89
C GLY A 188 2.80 -2.88 -0.63
N MET A 189 2.25 -4.10 -0.65
CA MET A 189 3.04 -5.32 -0.43
C MET A 189 3.09 -6.20 -1.66
N LEU A 190 2.78 -5.64 -2.85
CA LEU A 190 2.69 -6.45 -4.07
C LEU A 190 4.04 -7.05 -4.44
N ASP A 191 5.10 -6.26 -4.33
CA ASP A 191 6.44 -6.77 -4.61
C ASP A 191 6.74 -8.03 -3.78
N LEU A 192 6.45 -7.99 -2.48
CA LEU A 192 6.67 -9.16 -1.62
C LEU A 192 5.73 -10.30 -2.01
N ASP A 193 4.46 -9.98 -2.29
CA ASP A 193 3.48 -11.03 -2.54
C ASP A 193 3.77 -11.78 -3.82
N LEU A 194 4.21 -11.05 -4.87
CA LEU A 194 4.65 -11.70 -6.11
C LEU A 194 5.78 -12.68 -5.84
N LYS A 195 6.66 -12.36 -4.89
CA LYS A 195 7.74 -13.27 -4.55
C LYS A 195 7.22 -14.51 -3.81
N LEU A 196 6.26 -14.33 -2.90
CA LEU A 196 5.71 -15.44 -2.13
C LEU A 196 4.75 -16.32 -2.91
N ALA A 197 4.17 -15.83 -3.99
CA ALA A 197 3.14 -16.54 -4.75
C ALA A 197 3.51 -16.56 -6.23
N PRO A 198 4.50 -17.36 -6.61
CA PRO A 198 4.93 -17.37 -8.02
C PRO A 198 3.87 -17.84 -9.00
N ASN A 199 2.89 -18.63 -8.56
CA ASN A 199 1.95 -19.24 -9.49
C ASN A 199 0.64 -18.46 -9.63
N ILE A 200 0.57 -17.23 -9.12
CA ILE A 200 -0.66 -16.43 -9.14
C ILE A 200 -0.42 -15.16 -9.95
N ARG A 201 -1.27 -14.94 -10.95
CA ARG A 201 -1.33 -13.64 -11.60
C ARG A 201 -2.11 -12.67 -10.72
N PHE A 202 -1.44 -11.65 -10.20
CA PHE A 202 -2.08 -10.67 -9.33
C PHE A 202 -2.73 -9.61 -10.19
N LEU A 203 -4.02 -9.40 -9.99
CA LEU A 203 -4.69 -8.32 -10.72
C LEU A 203 -4.80 -7.10 -9.83
N PRO A 204 -4.01 -6.06 -10.04
CA PRO A 204 -4.25 -4.78 -9.36
C PRO A 204 -5.56 -4.17 -9.84
N HIS A 205 -6.07 -3.24 -9.06
CA HIS A 205 -7.13 -2.36 -9.57
C HIS A 205 -6.64 -1.61 -10.79
N GLU A 206 -7.55 -1.28 -11.70
CA GLU A 206 -7.16 -0.62 -12.94
C GLU A 206 -6.34 0.65 -12.70
N ASP A 207 -6.71 1.45 -11.69
CA ASP A 207 -5.93 2.66 -11.42
C ASP A 207 -4.51 2.36 -10.94
N ASP A 208 -4.27 1.16 -10.41
CA ASP A 208 -2.99 0.78 -9.84
C ASP A 208 -2.13 -0.04 -10.80
N TYR A 209 -2.66 -0.34 -11.99
CA TYR A 209 -1.95 -1.19 -12.93
C TYR A 209 -0.69 -0.50 -13.44
N TYR A 210 -0.77 0.80 -13.72
CA TYR A 210 0.40 1.55 -14.16
C TYR A 210 1.59 1.34 -13.22
N ALA A 211 1.38 1.61 -11.92
CA ALA A 211 2.50 1.50 -10.99
C ALA A 211 2.94 0.05 -10.81
N ALA A 212 1.98 -0.87 -10.76
CA ALA A 212 2.31 -2.27 -10.53
C ALA A 212 3.06 -2.87 -11.73
N ALA A 213 2.62 -2.56 -12.95
CA ALA A 213 3.34 -2.99 -14.14
C ALA A 213 4.79 -2.51 -14.13
N ARG A 214 5.02 -1.28 -13.65
CA ARG A 214 6.37 -0.76 -13.59
C ARG A 214 7.21 -1.47 -12.54
N ILE A 215 6.60 -1.92 -11.44
CA ILE A 215 7.33 -2.66 -10.40
C ILE A 215 7.84 -3.98 -10.96
N ASN A 216 6.96 -4.71 -11.65
CA ASN A 216 7.29 -6.07 -12.11
C ASN A 216 6.59 -6.30 -13.43
N PRO A 217 7.16 -5.81 -14.53
CA PRO A 217 6.48 -5.92 -15.83
C PRO A 217 6.37 -7.33 -16.35
N GLU A 218 7.17 -8.28 -15.84
CA GLU A 218 7.04 -9.67 -16.25
C GLU A 218 5.80 -10.29 -15.65
N ARG A 219 5.56 -10.05 -14.36
CA ARG A 219 4.44 -10.68 -13.67
C ARG A 219 3.14 -9.91 -13.85
N ILE A 220 3.19 -8.57 -13.86
CA ILE A 220 1.98 -7.75 -13.86
C ILE A 220 1.62 -7.52 -15.32
N THR A 221 0.75 -8.38 -15.85
CA THR A 221 0.32 -8.34 -17.25
C THR A 221 -1.18 -8.17 -17.38
N ALA A 222 -1.90 -8.13 -16.27
CA ALA A 222 -3.35 -8.09 -16.25
C ALA A 222 -3.82 -7.23 -15.09
N PHE A 223 -5.06 -6.74 -15.20
CA PHE A 223 -5.71 -5.98 -14.14
C PHE A 223 -7.22 -6.20 -14.21
N TRP A 224 -7.90 -5.89 -13.13
CA TRP A 224 -9.36 -5.95 -13.10
C TRP A 224 -9.93 -4.54 -13.14
N SER A 225 -11.10 -4.40 -13.77
CA SER A 225 -11.68 -3.08 -13.99
C SER A 225 -13.18 -3.15 -13.75
N SER A 226 -13.70 -2.20 -12.97
CA SER A 226 -15.13 -1.95 -12.92
C SER A 226 -15.53 -0.70 -13.68
N GLY A 227 -14.62 0.25 -13.87
CA GLY A 227 -14.88 1.40 -14.69
C GLY A 227 -15.19 1.05 -16.14
N ALA A 228 -14.72 -0.11 -16.60
CA ALA A 228 -15.03 -0.54 -17.96
C ALA A 228 -16.54 -0.75 -18.18
N MET A 229 -17.31 -0.97 -17.11
CA MET A 229 -18.77 -0.98 -17.22
C MET A 229 -19.34 0.40 -17.53
N CYS A 230 -18.52 1.44 -17.46
CA CYS A 230 -18.92 2.76 -17.89
C CYS A 230 -18.49 3.04 -19.33
N GLY A 231 -17.92 2.05 -20.02
CA GLY A 231 -17.33 2.27 -21.31
C GLY A 231 -15.89 1.80 -21.33
N PRO A 232 -15.66 0.63 -21.93
CA PRO A 232 -14.39 -0.08 -21.77
C PRO A 232 -13.24 0.40 -22.65
N ALA A 233 -13.37 1.56 -23.33
CA ALA A 233 -12.28 1.98 -24.21
C ALA A 233 -11.07 2.45 -23.44
N THR A 234 -11.27 2.98 -22.23
CA THR A 234 -10.14 3.45 -21.44
C THR A 234 -9.29 2.28 -20.97
N ALA A 235 -9.91 1.22 -20.47
CA ALA A 235 -9.16 0.07 -19.98
C ALA A 235 -8.42 -0.63 -21.11
N ILE A 236 -9.07 -0.75 -22.27
CA ILE A 236 -8.43 -1.39 -23.43
C ILE A 236 -7.22 -0.57 -23.88
N MET A 237 -7.35 0.76 -23.89
CA MET A 237 -6.21 1.61 -24.25
C MET A 237 -5.08 1.51 -23.23
N LEU A 238 -5.40 1.33 -21.95
CA LEU A 238 -4.35 1.27 -20.95
C LEU A 238 -3.58 -0.04 -21.07
N ARG A 239 -4.27 -1.14 -21.37
CA ARG A 239 -3.61 -2.41 -21.63
C ARG A 239 -2.65 -2.31 -22.82
N ASP A 240 -3.14 -1.81 -23.95
CA ASP A 240 -2.29 -1.73 -25.15
C ASP A 240 -1.14 -0.76 -24.95
N GLU A 241 -1.39 0.37 -24.30
CA GLU A 241 -0.33 1.35 -24.09
C GLU A 241 0.71 0.87 -23.09
N VAL A 242 0.28 0.16 -22.04
CA VAL A 242 1.26 -0.37 -21.08
C VAL A 242 2.12 -1.43 -21.76
N GLU A 243 1.51 -2.28 -22.59
CA GLU A 243 2.28 -3.29 -23.32
C GLU A 243 3.31 -2.64 -24.23
N ARG A 244 2.95 -1.52 -24.86
CA ARG A 244 3.94 -0.83 -25.68
C ARG A 244 5.02 -0.20 -24.82
N ALA A 245 4.63 0.32 -23.65
CA ALA A 245 5.60 0.96 -22.75
C ALA A 245 6.64 -0.03 -22.27
N LYS A 246 6.22 -1.27 -21.99
CA LYS A 246 7.17 -2.27 -21.53
C LYS A 246 8.23 -2.58 -22.58
N SER A 247 7.94 -2.32 -23.86
CA SER A 247 8.87 -2.55 -24.94
C SER A 247 9.66 -1.29 -25.31
N THR A 248 8.98 -0.15 -25.46
CA THR A 248 9.71 1.07 -25.79
C THR A 248 10.45 1.61 -24.59
N GLY A 249 9.98 1.34 -23.38
CA GLY A 249 10.48 2.06 -22.23
C GLY A 249 9.97 3.48 -22.11
N ASP A 250 8.89 3.81 -22.81
CA ASP A 250 8.30 5.14 -22.77
C ASP A 250 6.92 5.05 -22.14
N TRP A 251 6.80 5.52 -20.89
CA TRP A 251 5.59 5.38 -20.11
C TRP A 251 4.77 6.65 -20.01
N ILE A 252 5.06 7.67 -20.82
CA ILE A 252 4.34 8.94 -20.71
C ILE A 252 2.86 8.75 -21.02
N LYS A 253 2.55 8.08 -22.13
CA LYS A 253 1.15 7.95 -22.48
C LYS A 253 0.41 7.01 -21.54
N ALA A 254 1.09 5.97 -21.01
CA ALA A 254 0.46 5.11 -20.02
C ALA A 254 0.15 5.89 -18.73
N LYS A 255 1.08 6.75 -18.31
CA LYS A 255 0.86 7.57 -17.12
C LYS A 255 -0.25 8.59 -17.34
N ALA A 256 -0.38 9.12 -18.56
CA ALA A 256 -1.50 10.00 -18.89
C ALA A 256 -2.83 9.27 -18.77
N ILE A 257 -2.93 8.07 -19.34
CA ILE A 257 -4.17 7.31 -19.20
C ILE A 257 -4.44 6.99 -17.74
N SER A 258 -3.41 6.51 -17.03
CA SER A 258 -3.60 6.14 -15.62
C SER A 258 -4.04 7.34 -14.77
N ASP A 259 -3.43 8.51 -14.99
CA ASP A 259 -3.79 9.70 -14.20
C ASP A 259 -5.22 10.15 -14.50
N ASP A 260 -5.69 9.94 -15.74
CA ASP A 260 -7.10 10.20 -16.06
C ASP A 260 -8.01 9.26 -15.31
N MET A 261 -7.62 8.00 -15.15
CA MET A 261 -8.51 7.05 -14.50
C MET A 261 -8.65 7.38 -13.01
N ARG A 262 -7.54 7.73 -12.35
CA ARG A 262 -7.61 8.16 -10.95
C ARG A 262 -8.53 9.37 -10.80
N ALA A 263 -8.38 10.36 -11.68
CA ALA A 263 -9.23 11.55 -11.59
C ALA A 263 -10.70 11.19 -11.69
N ALA A 264 -11.07 10.29 -12.61
CA ALA A 264 -12.46 9.88 -12.75
C ALA A 264 -12.98 9.14 -11.53
N ASP A 265 -12.08 8.56 -10.73
CA ASP A 265 -12.45 7.83 -9.53
C ASP A 265 -12.46 8.72 -8.30
N SER A 266 -12.06 9.99 -8.43
CA SER A 266 -11.78 10.82 -7.27
C SER A 266 -13.02 11.23 -6.49
N THR A 267 -14.22 11.02 -7.01
CA THR A 267 -15.43 11.27 -6.25
C THR A 267 -16.17 10.00 -5.93
N LEU A 268 -15.58 8.84 -6.24
CA LEU A 268 -16.29 7.59 -5.99
C LEU A 268 -16.36 7.31 -4.49
N PHE A 269 -15.23 7.39 -3.79
CA PHE A 269 -15.20 7.02 -2.38
C PHE A 269 -15.79 8.14 -1.54
N PRO A 270 -16.91 7.92 -0.84
CA PRO A 270 -17.40 8.95 0.10
C PRO A 270 -16.29 9.35 1.06
N ARG A 271 -15.96 10.65 1.09
CA ARG A 271 -14.92 11.22 1.93
C ARG A 271 -13.54 10.61 1.68
N GLY A 272 -13.31 10.03 0.50
CA GLY A 272 -12.06 9.35 0.21
C GLY A 272 -11.81 8.08 1.00
N ASP A 273 -12.82 7.56 1.68
CA ASP A 273 -12.67 6.53 2.69
C ASP A 273 -13.11 5.19 2.13
N PHE A 274 -12.18 4.23 2.04
CA PHE A 274 -12.53 2.92 1.48
C PHE A 274 -13.58 2.22 2.32
N SER A 275 -13.52 2.37 3.66
CA SER A 275 -14.47 1.67 4.51
C SER A 275 -15.87 2.28 4.43
N GLU A 276 -15.97 3.59 4.20
CA GLU A 276 -17.29 4.18 4.02
C GLU A 276 -17.86 3.82 2.65
N PHE A 277 -17.00 3.76 1.62
CA PHE A 277 -17.40 3.24 0.31
C PHE A 277 -17.88 1.80 0.38
N SER A 278 -17.27 1.00 1.25
CA SER A 278 -17.66 -0.42 1.32
C SER A 278 -19.08 -0.59 1.86
N LYS A 279 -19.56 0.35 2.69
CA LYS A 279 -20.94 0.27 3.18
C LYS A 279 -21.95 0.41 2.04
N TYR A 280 -21.58 1.09 0.96
CA TYR A 280 -22.49 1.29 -0.16
C TYR A 280 -21.84 0.82 -1.46
N ASN A 281 -21.07 -0.25 -1.38
CA ASN A 281 -20.31 -0.74 -2.53
C ASN A 281 -21.23 -1.10 -3.68
N ILE A 282 -22.30 -1.84 -3.39
CA ILE A 282 -23.26 -2.23 -4.41
C ILE A 282 -23.89 -1.00 -5.04
N GLY A 283 -24.55 -0.18 -4.21
CA GLY A 283 -25.30 0.95 -4.72
C GLY A 283 -24.47 1.95 -5.50
N LEU A 284 -23.27 2.27 -4.99
CA LEU A 284 -22.45 3.31 -5.63
C LEU A 284 -21.93 2.85 -6.99
N GLU A 285 -21.50 1.59 -7.10
CA GLU A 285 -21.05 1.08 -8.40
C GLU A 285 -22.18 1.05 -9.43
N LYS A 286 -23.32 0.46 -9.06
CA LYS A 286 -24.44 0.35 -9.99
C LYS A 286 -25.02 1.72 -10.33
N ALA A 287 -25.01 2.65 -9.36
CA ALA A 287 -25.47 4.01 -9.65
C ALA A 287 -24.49 4.74 -10.56
N ARG A 288 -23.19 4.48 -10.38
CA ARG A 288 -22.20 5.00 -11.33
C ARG A 288 -22.44 4.44 -12.73
N MET A 289 -22.67 3.13 -12.82
CA MET A 289 -22.83 2.50 -14.13
C MET A 289 -24.10 3.01 -14.81
N ASP A 290 -25.21 3.08 -14.06
CA ASP A 290 -26.45 3.60 -14.60
C ASP A 290 -26.27 4.99 -15.18
N ALA A 291 -25.49 5.84 -14.49
CA ALA A 291 -25.28 7.21 -14.96
C ALA A 291 -24.34 7.28 -16.16
N ALA A 292 -23.43 6.32 -16.32
CA ALA A 292 -22.54 6.34 -17.47
C ALA A 292 -23.30 6.09 -18.77
N GLY A 293 -24.32 5.25 -18.72
CA GLY A 293 -25.12 5.01 -19.92
C GLY A 293 -24.54 4.00 -20.88
N TRP A 294 -23.47 3.30 -20.51
CA TRP A 294 -23.00 2.18 -21.33
C TRP A 294 -23.87 0.96 -21.15
N LEU A 295 -24.42 0.79 -19.95
CA LEU A 295 -25.27 -0.35 -19.64
C LEU A 295 -26.23 0.10 -18.55
N LYS A 296 -27.18 -0.78 -18.24
CA LYS A 296 -28.25 -0.50 -17.30
C LYS A 296 -28.08 -1.48 -16.14
N ALA A 297 -27.39 -1.03 -15.09
CA ALA A 297 -27.15 -1.92 -13.94
C ALA A 297 -28.45 -2.20 -13.20
N GLY A 298 -29.24 -1.16 -12.94
CA GLY A 298 -30.55 -1.31 -12.35
C GLY A 298 -30.56 -1.23 -10.84
N PRO A 299 -31.76 -1.31 -10.26
CA PRO A 299 -31.89 -1.20 -8.79
C PRO A 299 -31.13 -2.31 -8.06
N CYS A 300 -30.78 -2.01 -6.81
CA CYS A 300 -30.06 -2.95 -5.97
C CYS A 300 -31.04 -3.85 -5.24
N ARG A 301 -30.75 -5.15 -5.23
CA ARG A 301 -31.63 -6.07 -4.55
C ARG A 301 -31.55 -5.83 -3.05
N PRO A 302 -32.62 -6.10 -2.31
CA PRO A 302 -32.59 -5.84 -0.87
C PRO A 302 -31.56 -6.70 -0.20
N PRO A 303 -30.95 -6.21 0.88
CA PRO A 303 -31.30 -5.00 1.63
C PRO A 303 -30.52 -3.76 1.27
N TYR A 304 -29.59 -3.82 0.31
CA TYR A 304 -28.67 -2.70 0.07
C TYR A 304 -29.15 -1.72 -0.99
N ASN A 305 -30.39 -1.25 -0.87
CA ASN A 305 -30.95 -0.29 -1.83
C ASN A 305 -31.00 1.14 -1.30
N LEU A 306 -30.39 1.41 -0.15
CA LEU A 306 -30.41 2.74 0.46
C LEU A 306 -29.00 3.30 0.48
N VAL A 307 -28.80 4.46 -0.15
CA VAL A 307 -27.52 5.14 -0.23
C VAL A 307 -27.73 6.63 -0.02
N PRO A 308 -26.96 7.29 0.85
CA PRO A 308 -27.12 8.74 1.02
C PRO A 308 -26.97 9.46 -0.29
N GLU A 309 -27.69 10.57 -0.43
CA GLU A 309 -27.74 11.25 -1.72
C GLU A 309 -26.40 11.87 -2.07
N ASP A 310 -25.73 12.53 -1.12
CA ASP A 310 -24.40 13.07 -1.36
C ASP A 310 -23.47 12.01 -1.93
N TYR A 311 -23.53 10.79 -1.39
CA TYR A 311 -22.68 9.71 -1.90
C TYR A 311 -23.11 9.31 -3.31
N LEU A 312 -24.42 9.22 -3.56
CA LEU A 312 -24.92 8.87 -4.88
C LEU A 312 -24.44 9.85 -5.94
N VAL A 313 -24.52 11.15 -5.63
CA VAL A 313 -23.99 12.18 -6.51
C VAL A 313 -22.53 11.92 -6.86
N GLY A 314 -21.72 11.59 -5.86
CA GLY A 314 -20.31 11.34 -6.12
C GLY A 314 -20.07 10.24 -7.13
N ALA A 315 -20.87 9.17 -7.04
CA ALA A 315 -20.72 8.04 -7.96
C ALA A 315 -21.20 8.41 -9.36
N GLN A 316 -22.27 9.21 -9.45
CA GLN A 316 -22.78 9.65 -10.76
C GLN A 316 -21.77 10.57 -11.45
N LYS A 317 -21.13 11.46 -10.69
CA LYS A 317 -20.05 12.25 -11.26
C LYS A 317 -18.93 11.36 -11.78
N SER A 318 -18.63 10.29 -11.07
CA SER A 318 -17.60 9.38 -11.55
C SER A 318 -18.05 8.64 -12.80
N GLY A 319 -19.29 8.14 -12.81
CA GLY A 319 -19.83 7.54 -14.02
C GLY A 319 -19.72 8.46 -15.23
N LYS A 320 -20.00 9.74 -15.03
CA LYS A 320 -19.87 10.68 -16.13
C LYS A 320 -18.41 10.86 -16.54
N ALA A 321 -17.48 10.80 -15.57
CA ALA A 321 -16.08 10.98 -15.94
C ALA A 321 -15.55 9.79 -16.72
N TRP A 322 -15.90 8.57 -16.29
CA TRP A 322 -15.46 7.39 -17.03
C TRP A 322 -16.08 7.34 -18.43
N ALA A 323 -17.37 7.68 -18.53
CA ALA A 323 -18.02 7.69 -19.83
C ALA A 323 -17.37 8.72 -20.74
N ALA A 324 -16.98 9.87 -20.20
CA ALA A 324 -16.18 10.83 -20.95
C ALA A 324 -14.85 10.21 -21.40
N LEU A 325 -14.18 9.50 -20.49
CA LEU A 325 -12.90 8.87 -20.84
C LEU A 325 -13.08 7.86 -21.97
N HIS A 326 -14.14 7.05 -21.93
CA HIS A 326 -14.42 6.10 -23.00
C HIS A 326 -14.51 6.80 -24.34
N ALA A 327 -15.17 7.97 -24.41
CA ALA A 327 -15.18 8.72 -25.65
C ALA A 327 -13.78 9.20 -25.99
N LYS A 328 -13.04 9.68 -24.99
CA LYS A 328 -11.69 10.19 -25.24
C LYS A 328 -10.80 9.14 -25.87
N TYR A 329 -11.02 7.86 -25.55
CA TYR A 329 -10.10 6.79 -25.93
C TYR A 329 -10.73 5.79 -26.90
N SER A 330 -11.80 6.17 -27.57
CA SER A 330 -12.41 5.27 -28.55
C SER A 330 -11.60 5.33 -29.86
N THR B 8 24.71 29.01 5.27
CA THR B 8 23.66 28.00 5.44
C THR B 8 22.36 28.45 4.76
N THR B 9 22.12 27.92 3.56
CA THR B 9 20.91 28.21 2.80
C THR B 9 19.98 26.99 2.84
N ARG B 10 18.68 27.24 3.00
CA ARG B 10 17.77 26.21 3.46
C ARG B 10 17.65 25.06 2.46
N LEU B 11 17.43 23.87 3.00
CA LEU B 11 17.31 22.66 2.18
C LEU B 11 16.04 22.71 1.32
N THR B 12 16.14 22.16 0.12
CA THR B 12 14.98 21.85 -0.71
C THR B 12 14.97 20.35 -1.03
N ALA B 13 13.89 19.92 -1.70
CA ALA B 13 13.75 18.51 -2.09
C ALA B 13 14.86 18.07 -3.04
N GLU B 14 15.46 18.99 -3.78
CA GLU B 14 16.53 18.64 -4.71
C GLU B 14 17.79 18.21 -4.00
N ASP B 15 17.98 18.64 -2.75
CA ASP B 15 19.14 18.29 -1.94
C ASP B 15 18.98 16.99 -1.18
N ILE B 16 17.89 16.25 -1.39
CA ILE B 16 17.55 15.06 -0.62
C ILE B 16 17.65 13.87 -1.57
N ASN B 17 18.80 13.20 -1.59
CA ASN B 17 18.97 12.00 -2.39
C ASN B 17 19.75 10.97 -1.57
N GLY B 18 19.66 9.71 -2.01
CA GLY B 18 20.50 8.67 -1.48
C GLY B 18 20.00 8.04 -0.20
N ALA B 19 20.95 7.47 0.54
CA ALA B 19 20.65 6.75 1.77
C ALA B 19 20.54 7.73 2.93
N TRP B 20 19.33 7.91 3.46
CA TRP B 20 19.11 8.75 4.64
C TRP B 20 18.85 7.82 5.83
N THR B 21 19.80 7.76 6.74
CA THR B 21 19.79 6.75 7.80
C THR B 21 19.34 7.38 9.11
N ILE B 22 18.42 6.69 9.80
CA ILE B 22 17.85 7.19 11.04
C ILE B 22 18.66 6.62 12.20
N MET B 23 19.35 7.51 12.97
CA MET B 23 20.11 6.86 14.03
C MET B 23 19.36 6.91 15.36
N PRO B 24 19.66 5.99 16.28
CA PRO B 24 19.07 6.03 17.62
C PRO B 24 19.77 7.09 18.46
N THR B 25 19.27 7.25 19.70
CA THR B 25 19.88 8.10 20.71
C THR B 25 20.55 7.17 21.71
N PRO B 26 21.85 6.88 21.56
CA PRO B 26 22.50 5.90 22.44
C PRO B 26 22.26 6.20 23.91
N SER B 27 22.08 5.16 24.70
CA SER B 27 21.74 5.33 26.10
C SER B 27 22.79 4.67 26.99
N THR B 28 22.94 5.20 28.20
CA THR B 28 23.87 4.65 29.17
C THR B 28 23.28 3.37 29.79
N PRO B 29 24.09 2.59 30.52
CA PRO B 29 23.57 1.29 30.98
C PRO B 29 22.44 1.38 31.99
N ASP B 30 22.24 2.54 32.62
CA ASP B 30 21.16 2.73 33.58
C ASP B 30 19.99 3.55 33.01
N ALA B 31 19.83 3.59 31.68
CA ALA B 31 18.86 4.52 31.10
C ALA B 31 17.41 4.09 31.29
N SER B 32 17.14 2.81 31.58
CA SER B 32 15.77 2.39 31.87
C SER B 32 15.27 2.86 33.23
N ASP B 33 16.14 3.39 34.07
CA ASP B 33 15.79 3.84 35.41
C ASP B 33 15.32 5.30 35.35
N TRP B 34 14.10 5.57 35.86
CA TRP B 34 13.61 6.95 35.83
C TRP B 34 14.45 7.88 36.68
N ARG B 35 15.20 7.33 37.65
CA ARG B 35 16.04 8.15 38.52
C ARG B 35 17.25 8.72 37.81
N SER B 36 17.70 8.09 36.72
CA SER B 36 18.88 8.57 35.99
C SER B 36 18.52 9.82 35.19
N THR B 37 19.50 10.72 35.03
CA THR B 37 19.24 12.01 34.41
C THR B 37 20.09 12.36 33.20
N ASN B 38 21.27 11.78 33.04
CA ASN B 38 22.10 12.08 31.88
C ASN B 38 22.40 10.76 31.17
N THR B 39 21.38 10.21 30.51
CA THR B 39 21.42 8.85 30.02
C THR B 39 21.91 8.73 28.59
N VAL B 40 22.41 9.81 27.98
CA VAL B 40 22.89 9.75 26.60
C VAL B 40 24.39 9.47 26.61
N ASP B 41 24.80 8.47 25.84
CA ASP B 41 26.21 8.16 25.67
C ASP B 41 26.72 9.00 24.51
N LEU B 42 27.31 10.15 24.83
CA LEU B 42 27.73 11.08 23.79
C LEU B 42 28.93 10.54 23.01
N ASP B 43 29.74 9.69 23.63
CA ASP B 43 30.86 9.09 22.91
C ASP B 43 30.38 8.16 21.82
N GLU B 44 29.43 7.27 22.14
CA GLU B 44 28.85 6.40 21.11
C GLU B 44 28.05 7.22 20.10
N THR B 45 27.31 8.23 20.57
CA THR B 45 26.64 9.15 19.65
C THR B 45 27.61 9.69 18.63
N ALA B 46 28.74 10.24 19.09
CA ALA B 46 29.73 10.77 18.17
C ALA B 46 30.31 9.68 17.26
N ARG B 47 30.71 8.55 17.85
CA ARG B 47 31.29 7.46 17.08
C ARG B 47 30.37 7.00 15.95
N ILE B 48 29.07 6.86 16.23
CA ILE B 48 28.13 6.46 15.18
C ILE B 48 28.11 7.47 14.04
N VAL B 49 28.10 8.77 14.37
CA VAL B 49 28.04 9.78 13.31
C VAL B 49 29.25 9.65 12.41
N GLU B 50 30.43 9.44 13.00
CA GLU B 50 31.65 9.29 12.21
C GLU B 50 31.59 8.10 11.29
N GLU B 51 31.01 6.99 11.75
CA GLU B 51 31.04 5.78 10.94
C GLU B 51 29.96 5.79 9.87
N LEU B 52 28.84 6.48 10.11
CA LEU B 52 27.84 6.60 9.07
C LEU B 52 28.32 7.47 7.92
N ILE B 53 28.88 8.65 8.24
CA ILE B 53 29.44 9.56 7.24
C ILE B 53 30.58 8.90 6.48
N ALA B 54 31.46 8.17 7.19
CA ALA B 54 32.53 7.43 6.52
C ALA B 54 31.98 6.37 5.58
N ALA B 55 30.82 5.81 5.89
CA ALA B 55 30.25 4.76 5.06
C ALA B 55 29.56 5.29 3.82
N GLY B 56 29.37 6.60 3.71
CA GLY B 56 28.81 7.20 2.52
C GLY B 56 27.35 7.60 2.60
N VAL B 57 26.75 7.62 3.80
CA VAL B 57 25.37 8.03 3.91
C VAL B 57 25.23 9.47 3.42
N ASN B 58 24.10 9.74 2.78
CA ASN B 58 23.86 11.08 2.24
C ASN B 58 23.24 12.03 3.24
N GLY B 59 22.68 11.51 4.34
CA GLY B 59 22.03 12.37 5.31
C GLY B 59 21.60 11.54 6.50
N ILE B 60 21.36 12.24 7.60
CA ILE B 60 21.06 11.62 8.88
C ILE B 60 19.74 12.18 9.40
N LEU B 61 18.83 11.28 9.77
CA LEU B 61 17.62 11.65 10.50
C LEU B 61 17.73 11.12 11.92
N SER B 62 16.88 11.63 12.80
CA SER B 62 17.01 11.27 14.20
C SER B 62 15.77 11.72 14.95
N MET B 63 15.62 11.19 16.15
CA MET B 63 14.64 11.66 17.11
C MET B 63 13.21 11.43 16.61
N GLY B 64 13.00 10.29 15.98
CA GLY B 64 11.64 9.82 15.73
C GLY B 64 11.10 8.95 16.86
N THR B 65 10.41 7.87 16.53
CA THR B 65 9.89 7.03 17.59
C THR B 65 11.03 6.29 18.30
N PHE B 66 11.80 5.48 17.55
CA PHE B 66 12.83 4.68 18.21
C PHE B 66 14.02 5.52 18.65
N GLY B 67 14.23 6.70 18.05
CA GLY B 67 15.17 7.67 18.56
C GLY B 67 14.75 8.31 19.86
N GLU B 68 13.58 7.94 20.38
CA GLU B 68 13.14 8.28 21.74
C GLU B 68 12.90 9.78 21.92
N CYS B 69 12.44 10.45 20.88
CA CYS B 69 11.96 11.82 21.06
C CYS B 69 10.93 11.89 22.18
N ALA B 70 10.16 10.82 22.37
CA ALA B 70 9.13 10.84 23.41
C ALA B 70 9.73 10.85 24.82
N THR B 71 10.88 10.20 25.03
CA THR B 71 11.30 9.83 26.39
C THR B 71 12.60 10.46 26.85
N LEU B 72 13.35 11.11 25.97
CA LEU B 72 14.48 11.93 26.35
C LEU B 72 14.01 13.17 27.12
N THR B 73 14.89 13.71 27.97
CA THR B 73 14.65 14.99 28.59
C THR B 73 15.17 16.12 27.69
N TRP B 74 14.78 17.35 27.99
CA TRP B 74 15.21 18.45 27.12
C TRP B 74 16.72 18.64 27.18
N GLU B 75 17.33 18.57 28.37
CA GLU B 75 18.77 18.70 28.44
C GLU B 75 19.47 17.56 27.69
N GLU B 76 18.90 16.35 27.76
CA GLU B 76 19.45 15.24 26.99
C GLU B 76 19.38 15.53 25.49
N LYS B 77 18.25 16.07 25.02
CA LYS B 77 18.11 16.33 23.58
C LYS B 77 19.11 17.39 23.12
N ARG B 78 19.34 18.41 23.93
CA ARG B 78 20.27 19.47 23.51
C ARG B 78 21.70 18.95 23.46
N ASP B 79 22.10 18.13 24.43
CA ASP B 79 23.44 17.55 24.41
C ASP B 79 23.60 16.56 23.27
N TYR B 80 22.54 15.82 22.96
CA TYR B 80 22.63 14.87 21.85
C TYR B 80 22.77 15.59 20.52
N VAL B 81 21.89 16.57 20.26
CA VAL B 81 21.95 17.34 19.02
C VAL B 81 23.28 18.07 18.89
N SER B 82 23.73 18.70 19.97
CA SER B 82 25.02 19.39 19.94
C SER B 82 26.12 18.44 19.50
N THR B 83 26.19 17.26 20.11
CA THR B 83 27.25 16.30 19.77
C THR B 83 27.13 15.86 18.32
N VAL B 84 25.91 15.58 17.86
CA VAL B 84 25.71 15.20 16.46
C VAL B 84 26.23 16.30 15.54
N VAL B 85 25.81 17.54 15.80
CA VAL B 85 26.16 18.68 14.94
C VAL B 85 27.68 18.85 14.86
N GLU B 86 28.38 18.93 16.01
CA GLU B 86 29.84 19.04 16.00
C GLU B 86 30.46 17.93 15.16
N THR B 87 30.09 16.69 15.44
CA THR B 87 30.75 15.56 14.80
C THR B 87 30.52 15.56 13.30
N ILE B 88 29.32 15.96 12.88
CA ILE B 88 29.03 16.00 11.44
C ILE B 88 29.92 17.03 10.74
N ARG B 89 30.13 18.18 11.37
CA ARG B 89 30.92 19.28 10.79
C ARG B 89 30.41 19.65 9.40
N GLY B 90 29.10 19.73 9.24
CA GLY B 90 28.54 20.18 7.96
C GLY B 90 28.81 19.26 6.79
N ARG B 91 29.26 18.02 7.03
CA ARG B 91 29.57 17.13 5.92
C ARG B 91 28.32 16.51 5.30
N VAL B 92 27.26 16.35 6.08
CA VAL B 92 25.98 15.89 5.54
C VAL B 92 24.86 16.63 6.24
N PRO B 93 23.71 16.75 5.57
CA PRO B 93 22.56 17.38 6.22
C PRO B 93 22.05 16.55 7.41
N TYR B 94 21.48 17.23 8.39
CA TYR B 94 21.04 16.54 9.60
C TYR B 94 19.65 17.04 9.96
N PHE B 95 18.74 16.11 10.26
CA PHE B 95 17.43 16.47 10.79
C PHE B 95 17.33 16.01 12.24
N CYS B 96 16.95 16.93 13.11
CA CYS B 96 16.58 16.60 14.47
C CYS B 96 15.10 16.23 14.48
N GLY B 97 14.56 15.99 15.67
CA GLY B 97 13.15 15.68 15.80
C GLY B 97 12.53 16.47 16.93
N THR B 98 11.36 17.09 16.68
CA THR B 98 10.77 17.97 17.68
C THR B 98 9.26 17.80 17.83
N THR B 99 8.70 16.65 17.46
CA THR B 99 7.31 16.37 17.78
C THR B 99 7.07 16.58 19.27
N ALA B 100 5.95 17.18 19.61
CA ALA B 100 5.59 17.38 21.01
C ALA B 100 4.07 17.47 21.08
N LEU B 101 3.55 17.76 22.28
CA LEU B 101 2.11 17.69 22.51
C LEU B 101 1.36 18.94 22.04
N ASN B 102 2.05 20.02 21.70
CA ASN B 102 1.36 21.22 21.22
C ASN B 102 2.27 22.05 20.34
N THR B 103 1.68 23.04 19.68
CA THR B 103 2.38 23.82 18.66
C THR B 103 3.42 24.75 19.27
N ARG B 104 3.14 25.27 20.45
CA ARG B 104 4.11 26.18 21.07
C ARG B 104 5.35 25.42 21.51
N GLU B 105 5.19 24.22 22.07
CA GLU B 105 6.37 23.45 22.46
C GLU B 105 7.15 22.98 21.23
N VAL B 106 6.45 22.57 20.17
CA VAL B 106 7.14 22.21 18.93
C VAL B 106 7.99 23.38 18.45
N ILE B 107 7.41 24.59 18.45
CA ILE B 107 8.11 25.75 17.92
C ILE B 107 9.33 26.05 18.76
N ARG B 108 9.17 26.00 20.09
CA ARG B 108 10.26 26.32 21.03
C ARG B 108 11.42 25.36 20.86
N GLN B 109 11.11 24.06 20.75
CA GLN B 109 12.17 23.07 20.52
C GLN B 109 12.83 23.29 19.16
N THR B 110 12.02 23.42 18.10
CA THR B 110 12.59 23.57 16.77
C THR B 110 13.53 24.76 16.70
N ARG B 111 13.10 25.91 17.24
CA ARG B 111 13.97 27.08 17.24
C ARG B 111 15.30 26.75 17.89
N GLU B 112 15.27 26.15 19.08
CA GLU B 112 16.52 25.90 19.81
C GLU B 112 17.42 24.93 19.07
N LEU B 113 16.85 23.86 18.49
CA LEU B 113 17.72 22.85 17.89
C LEU B 113 18.22 23.27 16.52
N ILE B 114 17.45 24.08 15.80
CA ILE B 114 17.97 24.69 14.58
C ILE B 114 19.14 25.62 14.91
N ASP B 115 19.02 26.39 16.01
CA ASP B 115 20.09 27.31 16.38
C ASP B 115 21.39 26.56 16.69
N ILE B 116 21.28 25.38 17.30
CA ILE B 116 22.46 24.56 17.59
C ILE B 116 23.11 24.07 16.29
N GLY B 117 22.34 23.87 15.22
CA GLY B 117 22.99 23.51 13.97
C GLY B 117 22.36 22.40 13.13
N ALA B 118 21.32 21.76 13.63
CA ALA B 118 20.53 20.88 12.79
C ALA B 118 19.95 21.68 11.62
N ASN B 119 19.77 21.01 10.48
CA ASN B 119 19.24 21.64 9.27
C ASN B 119 17.74 21.49 9.12
N GLY B 120 17.11 20.60 9.86
CA GLY B 120 15.67 20.52 9.79
C GLY B 120 15.12 19.71 10.95
N THR B 121 13.81 19.51 10.92
CA THR B 121 13.18 18.66 11.94
C THR B 121 12.30 17.60 11.28
N MET B 122 12.48 16.35 11.74
CA MET B 122 11.60 15.23 11.43
C MET B 122 10.42 15.31 12.38
N LEU B 123 9.22 15.52 11.84
CA LEU B 123 8.14 16.08 12.64
C LEU B 123 6.83 15.35 12.37
N GLY B 124 6.34 14.61 13.37
CA GLY B 124 4.96 14.15 13.37
C GLY B 124 4.04 15.23 13.92
N VAL B 125 2.82 14.84 14.29
CA VAL B 125 1.87 15.81 14.83
C VAL B 125 1.57 15.49 16.29
N PRO B 126 1.23 16.50 17.10
CA PRO B 126 0.71 16.25 18.45
C PRO B 126 -0.38 15.19 18.44
N MET B 127 -0.37 14.30 19.44
CA MET B 127 -1.25 13.15 19.32
C MET B 127 -2.08 12.84 20.57
N TRP B 128 -2.11 13.72 21.58
CA TRP B 128 -3.03 13.48 22.68
C TRP B 128 -4.47 13.51 22.18
N VAL B 129 -4.82 14.53 21.42
CA VAL B 129 -6.09 14.54 20.68
C VAL B 129 -5.77 14.22 19.23
N LYS B 130 -6.46 13.21 18.69
CA LYS B 130 -6.31 12.83 17.30
C LYS B 130 -6.63 14.01 16.39
N MET B 131 -5.70 14.32 15.51
CA MET B 131 -5.82 15.48 14.65
C MET B 131 -6.63 15.12 13.40
N ASP B 132 -7.41 16.08 12.94
CA ASP B 132 -8.07 15.94 11.66
C ASP B 132 -7.26 16.69 10.59
N LEU B 133 -7.78 16.70 9.35
CA LEU B 133 -6.98 17.19 8.23
C LEU B 133 -6.70 18.69 8.33
N PRO B 134 -7.69 19.57 8.48
CA PRO B 134 -7.34 21.01 8.62
C PRO B 134 -6.45 21.29 9.84
N THR B 135 -6.68 20.62 10.97
CA THR B 135 -5.83 20.81 12.14
C THR B 135 -4.39 20.48 11.82
N ALA B 136 -4.15 19.37 11.12
CA ALA B 136 -2.78 18.97 10.80
C ALA B 136 -2.12 19.94 9.82
N VAL B 137 -2.85 20.37 8.79
CA VAL B 137 -2.27 21.31 7.82
C VAL B 137 -1.84 22.60 8.53
N GLN B 138 -2.73 23.14 9.36
CA GLN B 138 -2.43 24.41 10.00
C GLN B 138 -1.30 24.26 11.00
N PHE B 139 -1.19 23.09 11.64
CA PHE B 139 -0.06 22.82 12.52
C PHE B 139 1.27 23.00 11.80
N TYR B 140 1.44 22.29 10.67
CA TYR B 140 2.69 22.39 9.93
C TYR B 140 2.88 23.79 9.34
N ARG B 141 1.80 24.45 8.93
CA ARG B 141 1.91 25.84 8.48
C ARG B 141 2.40 26.73 9.61
N ASP B 142 1.83 26.59 10.81
CA ASP B 142 2.26 27.43 11.93
C ASP B 142 3.74 27.25 12.20
N VAL B 143 4.22 26.02 12.17
CA VAL B 143 5.59 25.71 12.54
C VAL B 143 6.56 26.27 11.50
N ALA B 144 6.28 26.02 10.22
CA ALA B 144 7.14 26.51 9.16
C ALA B 144 7.15 28.03 9.09
N GLY B 145 6.02 28.68 9.41
CA GLY B 145 6.02 30.13 9.47
C GLY B 145 6.80 30.66 10.66
N ALA B 146 6.76 29.93 11.79
CA ALA B 146 7.45 30.38 12.99
C ALA B 146 8.95 30.16 12.92
N VAL B 147 9.42 29.17 12.17
CA VAL B 147 10.85 28.91 12.02
C VAL B 147 11.14 28.70 10.54
N PRO B 148 11.09 29.74 9.70
CA PRO B 148 11.12 29.50 8.24
C PRO B 148 12.47 29.03 7.71
N GLU B 149 13.51 29.03 8.52
CA GLU B 149 14.82 28.51 8.15
C GLU B 149 14.95 27.02 8.39
N ALA B 150 13.94 26.37 8.96
CA ALA B 150 13.99 24.95 9.23
C ALA B 150 13.39 24.20 8.05
N ALA B 151 14.13 23.20 7.55
CA ALA B 151 13.53 22.20 6.68
C ALA B 151 12.70 21.24 7.52
N ILE B 152 11.62 20.71 6.94
CA ILE B 152 10.70 19.86 7.69
C ILE B 152 10.53 18.55 6.93
N ALA B 153 10.79 17.45 7.63
CA ALA B 153 10.49 16.11 7.13
C ALA B 153 9.24 15.63 7.86
N ILE B 154 8.18 15.35 7.10
CA ILE B 154 6.96 14.81 7.68
C ILE B 154 7.23 13.39 8.14
N TYR B 155 6.93 13.09 9.40
CA TYR B 155 7.04 11.73 9.93
C TYR B 155 5.63 11.15 9.86
N ALA B 156 5.31 10.53 8.72
CA ALA B 156 3.91 10.17 8.46
C ALA B 156 3.60 8.79 9.04
N ASN B 157 3.57 8.74 10.38
CA ASN B 157 3.32 7.51 11.13
C ASN B 157 1.92 7.53 11.74
N PRO B 158 0.93 6.88 11.13
CA PRO B 158 -0.43 6.91 11.70
C PRO B 158 -0.57 6.13 13.01
N GLU B 159 0.25 5.10 13.22
CA GLU B 159 0.20 4.40 14.50
C GLU B 159 0.63 5.33 15.63
N ALA B 160 1.81 5.94 15.53
CA ALA B 160 2.26 6.84 16.59
C ALA B 160 1.33 8.04 16.74
N PHE B 161 0.91 8.65 15.63
CA PHE B 161 0.33 9.99 15.67
C PHE B 161 -1.18 10.01 15.39
N LYS B 162 -1.83 8.85 15.28
CA LYS B 162 -3.28 8.71 15.10
C LYS B 162 -3.77 9.20 13.74
N PHE B 163 -3.55 10.48 13.45
CA PHE B 163 -3.80 11.07 12.13
C PHE B 163 -3.16 10.21 11.06
N ASP B 164 -3.83 10.05 9.92
CA ASP B 164 -3.36 9.09 8.92
C ASP B 164 -2.74 9.71 7.67
N PHE B 165 -2.47 11.01 7.68
CA PHE B 165 -1.76 11.69 6.60
C PHE B 165 -2.31 11.32 5.22
N PRO B 166 -3.56 11.67 4.92
CA PRO B 166 -4.20 11.22 3.68
C PRO B 166 -3.75 12.04 2.47
N ARG B 167 -4.28 11.67 1.30
CA ARG B 167 -3.85 12.32 0.06
C ARG B 167 -4.00 13.84 0.05
N PRO B 168 -5.14 14.43 0.46
CA PRO B 168 -5.25 15.90 0.39
C PRO B 168 -4.32 16.60 1.37
N PHE B 169 -3.88 15.91 2.43
CA PHE B 169 -2.85 16.48 3.29
C PHE B 169 -1.56 16.69 2.51
N TRP B 170 -1.18 15.73 1.69
CA TRP B 170 0.08 15.83 0.94
C TRP B 170 0.01 16.94 -0.10
N ALA B 171 -1.16 17.12 -0.72
CA ALA B 171 -1.37 18.26 -1.61
C ALA B 171 -1.17 19.57 -0.89
N GLU B 172 -1.58 19.65 0.38
CA GLU B 172 -1.39 20.88 1.14
C GLU B 172 0.07 21.07 1.54
N MET B 173 0.79 19.98 1.85
CA MET B 173 2.19 20.16 2.27
C MET B 173 3.09 20.60 1.13
N SER B 174 2.80 20.14 -0.10
CA SER B 174 3.57 20.59 -1.25
C SER B 174 3.51 22.11 -1.43
N LYS B 175 2.57 22.78 -0.77
CA LYS B 175 2.41 24.23 -0.85
C LYS B 175 3.27 24.97 0.16
N ILE B 176 3.95 24.25 1.05
CA ILE B 176 4.73 24.84 2.13
C ILE B 176 6.21 24.67 1.75
N PRO B 177 6.93 25.76 1.47
CA PRO B 177 8.33 25.60 1.01
C PRO B 177 9.19 24.84 1.99
N GLN B 178 8.98 25.02 3.29
CA GLN B 178 9.83 24.35 4.27
C GLN B 178 9.71 22.82 4.21
N VAL B 179 8.57 22.29 3.79
CA VAL B 179 8.37 20.83 3.83
C VAL B 179 9.04 20.23 2.60
N VAL B 180 10.16 19.55 2.83
CA VAL B 180 11.04 19.15 1.73
C VAL B 180 11.07 17.66 1.52
N THR B 181 10.59 16.86 2.48
CA THR B 181 10.72 15.41 2.40
C THR B 181 9.74 14.81 3.40
N ALA B 182 9.64 13.48 3.39
CA ALA B 182 8.66 12.79 4.20
C ALA B 182 9.16 11.39 4.49
N LYS B 183 9.06 10.99 5.75
CA LYS B 183 9.32 9.62 6.13
C LYS B 183 8.02 8.87 5.91
N TYR B 184 7.98 8.12 4.83
CA TYR B 184 6.76 7.55 4.27
C TYR B 184 6.74 6.04 4.53
N LEU B 185 5.56 5.49 4.76
CA LEU B 185 5.37 4.07 5.05
C LEU B 185 4.83 3.37 3.79
N GLY B 186 3.72 2.65 3.84
CA GLY B 186 3.28 1.87 2.68
C GLY B 186 3.16 2.70 1.42
N ILE B 187 3.43 2.12 0.25
CA ILE B 187 3.46 2.89 -1.00
C ILE B 187 2.22 2.62 -1.86
N GLY B 188 1.16 2.05 -1.28
CA GLY B 188 -0.04 1.80 -2.08
C GLY B 188 -0.54 3.02 -2.83
N MET B 189 -0.40 4.21 -2.26
CA MET B 189 -0.85 5.43 -2.91
C MET B 189 0.30 6.37 -3.24
N LEU B 190 1.53 5.83 -3.38
CA LEU B 190 2.66 6.70 -3.68
C LEU B 190 2.55 7.33 -5.05
N ASP B 191 2.08 6.58 -6.04
CA ASP B 191 1.88 7.11 -7.38
C ASP B 191 1.03 8.38 -7.34
N LEU B 192 -0.12 8.32 -6.69
CA LEU B 192 -0.97 9.52 -6.60
C LEU B 192 -0.34 10.61 -5.75
N ASP B 193 0.29 10.25 -4.62
CA ASP B 193 0.85 11.26 -3.72
C ASP B 193 1.98 12.04 -4.39
N LEU B 194 2.76 11.38 -5.25
CA LEU B 194 3.76 12.11 -6.02
C LEU B 194 3.09 13.17 -6.91
N LYS B 195 1.98 12.82 -7.54
CA LYS B 195 1.27 13.78 -8.40
C LYS B 195 0.71 14.93 -7.58
N LEU B 196 0.11 14.61 -6.43
CA LEU B 196 -0.50 15.67 -5.64
C LEU B 196 0.54 16.55 -4.98
N ALA B 197 1.77 16.07 -4.81
CA ALA B 197 2.79 16.76 -4.02
C ALA B 197 4.10 16.83 -4.78
N PRO B 198 4.16 17.65 -5.85
CA PRO B 198 5.38 17.70 -6.67
C PRO B 198 6.62 18.18 -5.94
N ASN B 199 6.51 18.97 -4.87
CA ASN B 199 7.68 19.59 -4.24
C ASN B 199 8.26 18.80 -3.05
N ILE B 200 7.82 17.57 -2.81
CA ILE B 200 8.29 16.81 -1.65
C ILE B 200 9.06 15.58 -2.14
N ARG B 201 10.24 15.36 -1.57
CA ARG B 201 11.00 14.14 -1.80
C ARG B 201 10.46 13.05 -0.87
N PHE B 202 9.71 12.12 -1.43
CA PHE B 202 9.09 11.07 -0.63
C PHE B 202 10.11 9.98 -0.38
N LEU B 203 10.42 9.71 0.90
CA LEU B 203 11.33 8.61 1.23
C LEU B 203 10.54 7.36 1.57
N PRO B 204 10.48 6.37 0.69
CA PRO B 204 9.94 5.09 1.11
C PRO B 204 10.86 4.47 2.14
N HIS B 205 10.34 3.44 2.81
CA HIS B 205 11.20 2.58 3.61
C HIS B 205 12.22 1.89 2.69
N GLU B 206 13.40 1.62 3.24
CA GLU B 206 14.48 0.99 2.47
C GLU B 206 13.99 -0.26 1.71
N ASP B 207 13.15 -1.11 2.33
CA ASP B 207 12.67 -2.31 1.64
C ASP B 207 11.73 -1.99 0.48
N ASP B 208 11.04 -0.84 0.52
CA ASP B 208 10.15 -0.39 -0.54
C ASP B 208 10.84 0.47 -1.58
N TYR B 209 12.09 0.86 -1.35
CA TYR B 209 12.80 1.70 -2.29
C TYR B 209 12.89 1.06 -3.67
N TYR B 210 13.14 -0.24 -3.73
CA TYR B 210 13.23 -0.90 -5.03
C TYR B 210 11.96 -0.70 -5.84
N ALA B 211 10.81 -1.05 -5.28
CA ALA B 211 9.56 -0.94 -6.02
C ALA B 211 9.23 0.51 -6.33
N ALA B 212 9.43 1.39 -5.35
CA ALA B 212 9.05 2.79 -5.51
C ALA B 212 9.87 3.46 -6.61
N ALA B 213 11.18 3.25 -6.59
CA ALA B 213 12.04 3.77 -7.66
C ALA B 213 11.66 3.21 -9.03
N ARG B 214 11.18 1.96 -9.10
CA ARG B 214 10.69 1.49 -10.39
C ARG B 214 9.43 2.23 -10.80
N ILE B 215 8.54 2.54 -9.85
CA ILE B 215 7.32 3.29 -10.17
C ILE B 215 7.66 4.63 -10.81
N ASN B 216 8.58 5.37 -10.18
CA ASN B 216 8.88 6.74 -10.59
C ASN B 216 10.33 7.00 -10.30
N PRO B 217 11.22 6.60 -11.22
CA PRO B 217 12.66 6.77 -10.97
C PRO B 217 13.09 8.21 -11.00
N GLU B 218 12.29 9.10 -11.59
CA GLU B 218 12.64 10.52 -11.60
C GLU B 218 12.49 11.12 -10.20
N ARG B 219 11.36 10.84 -9.54
CA ARG B 219 11.04 11.41 -8.24
C ARG B 219 11.64 10.64 -7.07
N ILE B 220 11.77 9.33 -7.19
CA ILE B 220 12.15 8.47 -6.07
C ILE B 220 13.65 8.23 -6.21
N THR B 221 14.41 9.06 -5.51
CA THR B 221 15.87 9.03 -5.56
C THR B 221 16.47 8.83 -4.17
N ALA B 222 15.65 8.79 -3.12
CA ALA B 222 16.16 8.69 -1.77
C ALA B 222 15.24 7.78 -0.97
N PHE B 223 15.77 7.28 0.14
CA PHE B 223 15.00 6.42 1.02
C PHE B 223 15.52 6.59 2.45
N TRP B 224 14.73 6.16 3.41
CA TRP B 224 15.19 6.14 4.80
C TRP B 224 15.50 4.71 5.24
N SER B 225 16.44 4.59 6.17
CA SER B 225 16.91 3.30 6.62
C SER B 225 17.11 3.32 8.14
N SER B 226 16.53 2.32 8.80
CA SER B 226 16.95 1.97 10.14
C SER B 226 17.79 0.69 10.14
N GLY B 227 17.66 -0.14 9.12
CA GLY B 227 18.54 -1.29 8.98
C GLY B 227 20.00 -0.91 8.91
N ALA B 228 20.29 0.32 8.50
CA ALA B 228 21.68 0.76 8.39
C ALA B 228 22.37 0.82 9.73
N MET B 229 21.62 0.98 10.82
CA MET B 229 22.19 0.94 12.16
C MET B 229 22.69 -0.45 12.54
N CYS B 230 22.49 -1.47 11.69
CA CYS B 230 23.07 -2.78 11.86
C CYS B 230 24.26 -3.01 10.92
N GLY B 231 24.67 -1.98 10.19
CA GLY B 231 25.67 -2.13 9.15
C GLY B 231 25.17 -1.49 7.86
N PRO B 232 25.75 -0.34 7.52
CA PRO B 232 25.20 0.47 6.42
C PRO B 232 25.59 0.03 5.02
N ALA B 233 26.48 -0.97 4.85
CA ALA B 233 26.90 -1.37 3.51
C ALA B 233 25.71 -1.76 2.64
N THR B 234 24.74 -2.44 3.22
CA THR B 234 23.58 -2.89 2.45
C THR B 234 22.81 -1.69 1.86
N ALA B 235 22.61 -0.64 2.66
CA ALA B 235 21.88 0.53 2.16
C ALA B 235 22.68 1.26 1.09
N ILE B 236 24.00 1.36 1.30
CA ILE B 236 24.85 2.00 0.30
C ILE B 236 24.83 1.20 -1.00
N MET B 237 24.96 -0.13 -0.90
CA MET B 237 24.88 -1.01 -2.07
C MET B 237 23.55 -0.85 -2.80
N LEU B 238 22.44 -0.80 -2.06
CA LEU B 238 21.15 -0.66 -2.72
C LEU B 238 21.04 0.67 -3.44
N ARG B 239 21.48 1.76 -2.79
CA ARG B 239 21.46 3.07 -3.43
C ARG B 239 22.25 3.05 -4.73
N ASP B 240 23.49 2.56 -4.68
CA ASP B 240 24.34 2.55 -5.87
C ASP B 240 23.75 1.67 -6.97
N GLU B 241 23.17 0.53 -6.61
CA GLU B 241 22.69 -0.39 -7.62
C GLU B 241 21.37 0.05 -8.25
N VAL B 242 20.48 0.68 -7.48
CA VAL B 242 19.24 1.20 -8.05
C VAL B 242 19.55 2.29 -9.06
N GLU B 243 20.43 3.21 -8.71
CA GLU B 243 20.75 4.27 -9.66
C GLU B 243 21.50 3.74 -10.88
N ARG B 244 22.31 2.69 -10.73
CA ARG B 244 22.84 2.04 -11.92
C ARG B 244 21.70 1.39 -12.72
N ALA B 245 20.72 0.81 -12.02
CA ALA B 245 19.60 0.17 -12.70
C ALA B 245 18.76 1.17 -13.49
N LYS B 246 18.56 2.37 -12.95
CA LYS B 246 17.78 3.37 -13.67
C LYS B 246 18.42 3.70 -15.00
N SER B 247 19.75 3.77 -15.04
CA SER B 247 20.44 4.06 -16.28
C SER B 247 20.49 2.84 -17.18
N THR B 248 20.92 1.69 -16.66
CA THR B 248 21.13 0.54 -17.53
C THR B 248 19.83 -0.18 -17.87
N GLY B 249 18.82 -0.09 -17.03
CA GLY B 249 17.62 -0.88 -17.22
C GLY B 249 17.73 -2.30 -16.75
N ASP B 250 18.82 -2.67 -16.10
CA ASP B 250 18.99 -4.02 -15.54
C ASP B 250 18.78 -3.95 -14.03
N TRP B 251 17.60 -4.38 -13.58
CA TRP B 251 17.25 -4.29 -12.16
C TRP B 251 17.53 -5.58 -11.39
N ILE B 252 18.19 -6.56 -12.02
CA ILE B 252 18.36 -7.88 -11.41
C ILE B 252 19.10 -7.79 -10.08
N LYS B 253 20.26 -7.13 -10.07
CA LYS B 253 21.02 -7.06 -8.84
C LYS B 253 20.32 -6.21 -7.79
N ALA B 254 19.61 -5.15 -8.21
CA ALA B 254 18.87 -4.33 -7.26
C ALA B 254 17.76 -5.14 -6.59
N LYS B 255 17.09 -6.00 -7.35
CA LYS B 255 16.04 -6.83 -6.76
C LYS B 255 16.61 -7.83 -5.75
N ALA B 256 17.81 -8.36 -6.02
CA ALA B 256 18.41 -9.34 -5.12
C ALA B 256 18.77 -8.70 -3.77
N ILE B 257 19.34 -7.51 -3.78
CA ILE B 257 19.60 -6.80 -2.53
C ILE B 257 18.29 -6.57 -1.80
N SER B 258 17.29 -6.03 -2.52
CA SER B 258 16.04 -5.65 -1.90
C SER B 258 15.33 -6.86 -1.32
N ASP B 259 15.32 -7.98 -2.06
CA ASP B 259 14.77 -9.22 -1.51
C ASP B 259 15.52 -9.66 -0.26
N ASP B 260 16.85 -9.50 -0.26
CA ASP B 260 17.65 -9.80 0.94
C ASP B 260 17.20 -8.93 2.11
N MET B 261 17.02 -7.63 1.87
CA MET B 261 16.58 -6.74 2.95
C MET B 261 15.20 -7.15 3.46
N ARG B 262 14.30 -7.54 2.56
CA ARG B 262 12.97 -7.93 3.01
C ARG B 262 13.05 -9.16 3.91
N ALA B 263 13.81 -10.17 3.47
CA ALA B 263 13.95 -11.39 4.27
C ALA B 263 14.57 -11.08 5.63
N ALA B 264 15.51 -10.13 5.69
CA ALA B 264 16.13 -9.78 6.97
C ALA B 264 15.14 -9.14 7.93
N ASP B 265 14.12 -8.48 7.41
CA ASP B 265 13.09 -7.88 8.23
C ASP B 265 11.94 -8.84 8.53
N SER B 266 12.01 -10.09 8.06
CA SER B 266 10.85 -10.97 8.12
C SER B 266 10.44 -11.33 9.54
N THR B 267 11.32 -11.16 10.53
CA THR B 267 11.00 -11.45 11.92
C THR B 267 10.85 -10.20 12.77
N LEU B 268 10.92 -9.01 12.17
CA LEU B 268 10.92 -7.78 12.96
C LEU B 268 9.57 -7.51 13.61
N PHE B 269 8.51 -7.50 12.81
CA PHE B 269 7.17 -7.18 13.30
C PHE B 269 6.58 -8.40 14.00
N PRO B 270 6.18 -8.31 15.26
CA PRO B 270 5.44 -9.43 15.85
C PRO B 270 4.26 -9.83 15.00
N ARG B 271 4.26 -11.09 14.54
CA ARG B 271 3.22 -11.66 13.68
C ARG B 271 3.04 -10.90 12.38
N GLY B 272 4.04 -10.16 11.92
CA GLY B 272 3.87 -9.37 10.71
C GLY B 272 3.03 -8.13 10.88
N ASP B 273 2.71 -7.77 12.12
CA ASP B 273 1.68 -6.79 12.44
C ASP B 273 2.31 -5.43 12.77
N PHE B 274 2.13 -4.45 11.89
CA PHE B 274 2.72 -3.14 12.17
C PHE B 274 2.16 -2.54 13.45
N SER B 275 0.88 -2.75 13.74
CA SER B 275 0.32 -2.18 14.95
C SER B 275 0.91 -2.84 16.20
N GLU B 276 1.17 -4.15 16.16
CA GLU B 276 1.78 -4.80 17.31
C GLU B 276 3.24 -4.39 17.46
N PHE B 277 3.96 -4.31 16.34
CA PHE B 277 5.30 -3.72 16.32
C PHE B 277 5.33 -2.31 16.90
N SER B 278 4.25 -1.54 16.67
CA SER B 278 4.24 -0.12 17.06
C SER B 278 4.19 0.04 18.58
N LYS B 279 3.61 -0.93 19.28
CA LYS B 279 3.62 -0.89 20.75
C LYS B 279 5.01 -1.04 21.34
N TYR B 280 5.96 -1.56 20.55
CA TYR B 280 7.31 -1.86 21.02
C TYR B 280 8.32 -1.33 20.02
N ASN B 281 7.94 -0.28 19.27
CA ASN B 281 8.81 0.29 18.25
C ASN B 281 10.19 0.59 18.81
N ILE B 282 10.26 1.27 19.96
CA ILE B 282 11.55 1.69 20.49
C ILE B 282 12.40 0.48 20.84
N GLY B 283 11.83 -0.43 21.64
CA GLY B 283 12.60 -1.56 22.15
C GLY B 283 13.03 -2.52 21.05
N LEU B 284 12.17 -2.73 20.06
CA LEU B 284 12.52 -3.70 19.03
C LEU B 284 13.64 -3.18 18.14
N GLU B 285 13.56 -1.91 17.72
CA GLU B 285 14.64 -1.34 16.93
C GLU B 285 15.96 -1.35 17.70
N LYS B 286 15.92 -0.96 18.97
CA LYS B 286 17.16 -0.89 19.74
C LYS B 286 17.76 -2.28 19.98
N ALA B 287 16.90 -3.26 20.26
CA ALA B 287 17.38 -4.62 20.49
C ALA B 287 17.97 -5.22 19.23
N ARG B 288 17.29 -5.04 18.09
CA ARG B 288 17.88 -5.38 16.81
C ARG B 288 19.28 -4.79 16.65
N MET B 289 19.43 -3.52 17.02
CA MET B 289 20.70 -2.83 16.86
C MET B 289 21.72 -3.35 17.85
N ASP B 290 21.32 -3.49 19.11
CA ASP B 290 22.16 -4.16 20.09
C ASP B 290 22.65 -5.50 19.57
N ALA B 291 21.74 -6.31 19.02
CA ALA B 291 22.09 -7.66 18.56
C ALA B 291 23.07 -7.65 17.40
N ALA B 292 23.01 -6.62 16.55
CA ALA B 292 23.82 -6.66 15.35
C ALA B 292 25.26 -6.30 15.63
N GLY B 293 25.52 -5.54 16.68
CA GLY B 293 26.87 -5.23 17.09
C GLY B 293 27.58 -4.17 16.27
N TRP B 294 26.88 -3.44 15.40
CA TRP B 294 27.53 -2.38 14.66
C TRP B 294 27.57 -1.10 15.49
N LEU B 295 26.63 -0.93 16.40
CA LEU B 295 26.63 0.18 17.35
C LEU B 295 25.91 -0.29 18.60
N LYS B 296 25.96 0.54 19.64
CA LYS B 296 25.36 0.20 20.93
C LYS B 296 24.21 1.17 21.19
N ALA B 297 22.99 0.72 20.89
CA ALA B 297 21.79 1.51 21.15
C ALA B 297 21.47 1.58 22.64
N GLY B 298 21.46 0.44 23.34
CA GLY B 298 21.32 0.44 24.79
C GLY B 298 19.89 0.39 25.31
N PRO B 299 19.73 0.45 26.64
CA PRO B 299 18.39 0.32 27.25
C PRO B 299 17.44 1.47 26.87
N CYS B 300 16.15 1.19 26.99
CA CYS B 300 15.11 2.17 26.63
C CYS B 300 14.73 3.00 27.85
N ARG B 301 14.69 4.32 27.66
CA ARG B 301 14.21 5.22 28.70
C ARG B 301 12.74 4.97 29.00
N PRO B 302 12.31 5.22 30.24
CA PRO B 302 10.96 4.82 30.66
C PRO B 302 9.90 5.72 30.07
N PRO B 303 8.71 5.19 29.80
CA PRO B 303 8.16 3.91 30.28
C PRO B 303 8.34 2.71 29.37
N TYR B 304 9.01 2.88 28.23
CA TYR B 304 8.96 1.90 27.14
C TYR B 304 10.13 0.92 27.20
N ASN B 305 10.38 0.34 28.37
CA ASN B 305 11.52 -0.56 28.59
C ASN B 305 11.10 -2.01 28.84
N LEU B 306 9.91 -2.43 28.39
CA LEU B 306 9.40 -3.78 28.61
C LEU B 306 8.93 -4.36 27.28
N VAL B 307 9.61 -5.37 26.77
CA VAL B 307 9.28 -6.00 25.50
C VAL B 307 9.13 -7.49 25.75
N PRO B 308 8.05 -8.13 25.27
CA PRO B 308 7.91 -9.57 25.46
C PRO B 308 9.06 -10.32 24.81
N GLU B 309 9.57 -11.33 25.53
CA GLU B 309 10.79 -12.01 25.09
C GLU B 309 10.64 -12.60 23.69
N ASP B 310 9.46 -13.14 23.36
CA ASP B 310 9.26 -13.67 22.02
C ASP B 310 9.49 -12.58 20.98
N TYR B 311 8.94 -11.39 21.24
CA TYR B 311 9.12 -10.27 20.34
C TYR B 311 10.59 -9.85 20.27
N LEU B 312 11.28 -9.84 21.41
CA LEU B 312 12.70 -9.50 21.40
C LEU B 312 13.49 -10.46 20.52
N VAL B 313 13.15 -11.75 20.56
CA VAL B 313 13.90 -12.71 19.77
C VAL B 313 13.76 -12.41 18.27
N GLY B 314 12.54 -12.08 17.84
CA GLY B 314 12.34 -11.71 16.45
C GLY B 314 13.22 -10.54 16.02
N ALA B 315 13.40 -9.56 16.91
CA ALA B 315 14.20 -8.39 16.59
C ALA B 315 15.68 -8.74 16.54
N GLN B 316 16.14 -9.57 17.48
CA GLN B 316 17.53 -9.97 17.46
C GLN B 316 17.86 -10.80 16.22
N LYS B 317 16.94 -11.69 15.80
CA LYS B 317 17.15 -12.44 14.57
C LYS B 317 17.30 -11.49 13.38
N SER B 318 16.42 -10.47 13.30
CA SER B 318 16.54 -9.47 12.26
C SER B 318 17.88 -8.76 12.32
N GLY B 319 18.30 -8.34 13.52
CA GLY B 319 19.60 -7.72 13.70
C GLY B 319 20.75 -8.59 13.23
N LYS B 320 20.69 -9.89 13.52
CA LYS B 320 21.72 -10.80 13.01
C LYS B 320 21.64 -10.90 11.50
N ALA B 321 20.41 -10.91 10.95
CA ALA B 321 20.27 -10.99 9.51
C ALA B 321 20.86 -9.76 8.83
N TRP B 322 20.74 -8.57 9.43
CA TRP B 322 21.25 -7.38 8.78
C TRP B 322 22.77 -7.27 8.92
N ALA B 323 23.33 -7.63 10.07
CA ALA B 323 24.79 -7.71 10.21
C ALA B 323 25.41 -8.60 9.13
N ALA B 324 24.78 -9.74 8.86
CA ALA B 324 25.27 -10.61 7.80
C ALA B 324 25.15 -9.94 6.43
N LEU B 325 24.05 -9.23 6.19
CA LEU B 325 23.90 -8.53 4.92
C LEU B 325 24.99 -7.47 4.76
N HIS B 326 25.33 -6.78 5.85
CA HIS B 326 26.42 -5.80 5.84
C HIS B 326 27.73 -6.46 5.43
N ALA B 327 28.09 -7.57 6.07
CA ALA B 327 29.29 -8.30 5.65
C ALA B 327 29.21 -8.67 4.18
N LYS B 328 28.05 -9.17 3.74
CA LYS B 328 27.90 -9.67 2.38
C LYS B 328 28.07 -8.56 1.34
N TYR B 329 27.62 -7.34 1.65
CA TYR B 329 27.66 -6.21 0.73
C TYR B 329 28.76 -5.21 1.07
N SER B 330 29.77 -5.63 1.83
CA SER B 330 30.86 -4.73 2.19
C SER B 330 31.99 -4.76 1.17
N LYS B 331 32.95 -3.86 1.38
CA LYS B 331 34.11 -3.65 0.51
C LYS B 331 33.67 -3.02 -0.82
#